data_3BIM
#
_entry.id   3BIM
#
_cell.length_a   150.55
_cell.length_b   150.55
_cell.length_c   312.25
_cell.angle_alpha   90.000
_cell.angle_beta   90.000
_cell.angle_gamma   120.000
#
_symmetry.space_group_name_H-M   'P 61 2 2'
#
loop_
_entity.id
_entity.type
_entity.pdbx_description
1 polymer 'B-cell lymphoma 6 protein'
2 polymer 'BCL-6 corepressor'
3 water water
#
loop_
_entity_poly.entity_id
_entity_poly.type
_entity_poly.pdbx_seq_one_letter_code
_entity_poly.pdbx_strand_id
1 'polypeptide(L)'
;GSADSQIQFTRHASDVLLNLNRLRSRDILTDVVIVVSREQFRAHKTVLMACSGLFYSIFTDQLKRNLSVINLDPEINPEG
FNILLDFMYTSRLNLREGNIMAVMATAMYLQMEHVVDTCRKFIKASE
;
A,B,C,D,E,F,G,H
2 'polypeptide(L)' GSRSEIISTAPSSWVVPGP I,J,K,L,M,N,O,P
#
# COMPACT_ATOMS: atom_id res chain seq x y z
N ALA A 3 25.23 -19.77 7.63
CA ALA A 3 24.24 -20.13 6.57
C ALA A 3 23.17 -19.02 6.43
N ASP A 4 23.29 -17.98 7.26
CA ASP A 4 22.44 -16.77 7.22
C ASP A 4 23.12 -15.73 6.32
N SER A 5 22.35 -14.82 5.71
CA SER A 5 22.94 -14.10 4.58
C SER A 5 22.29 -12.85 4.02
N GLN A 6 23.05 -12.19 3.15
CA GLN A 6 22.52 -11.09 2.43
C GLN A 6 23.22 -10.85 1.12
N ILE A 7 22.46 -10.84 0.04
CA ILE A 7 23.03 -10.74 -1.29
C ILE A 7 22.72 -9.39 -1.95
N GLN A 8 23.78 -8.75 -2.42
CA GLN A 8 23.66 -7.50 -3.09
C GLN A 8 23.88 -7.64 -4.57
N PHE A 9 22.88 -7.23 -5.35
CA PHE A 9 22.91 -7.45 -6.78
C PHE A 9 23.44 -6.19 -7.43
N THR A 10 24.59 -6.26 -8.06
CA THR A 10 25.27 -5.05 -8.47
C THR A 10 24.61 -4.43 -9.71
N ARG A 11 23.70 -5.13 -10.38
CA ARG A 11 23.20 -4.65 -11.66
C ARG A 11 21.75 -4.28 -11.53
N HIS A 12 21.23 -4.42 -10.32
CA HIS A 12 19.79 -4.28 -10.09
C HIS A 12 19.25 -2.86 -10.36
N ALA A 13 19.91 -1.86 -9.74
CA ALA A 13 19.50 -0.42 -9.84
C ALA A 13 19.53 -0.02 -11.28
N SER A 14 20.60 -0.39 -11.91
CA SER A 14 20.79 -0.12 -13.28
C SER A 14 19.71 -0.75 -14.18
N ASP A 15 19.23 -1.96 -13.80
CA ASP A 15 18.24 -2.75 -14.57
C ASP A 15 16.84 -2.18 -14.32
N VAL A 16 16.56 -1.78 -13.09
CA VAL A 16 15.36 -1.05 -12.76
C VAL A 16 15.32 0.24 -13.59
N LEU A 17 16.41 0.99 -13.63
CA LEU A 17 16.37 2.27 -14.31
C LEU A 17 16.08 2.06 -15.80
N LEU A 18 16.72 1.04 -16.37
CA LEU A 18 16.58 0.81 -17.82
C LEU A 18 15.09 0.51 -18.20
N ASN A 19 14.42 -0.19 -17.28
CA ASN A 19 13.01 -0.45 -17.39
C ASN A 19 12.11 0.76 -17.18
N LEU A 20 12.33 1.54 -16.12
CA LEU A 20 11.73 2.91 -15.98
C LEU A 20 11.92 3.73 -17.30
N ASN A 21 13.09 3.73 -17.94
CA ASN A 21 13.20 4.41 -19.20
C ASN A 21 12.32 3.81 -20.32
N ARG A 22 12.20 2.48 -20.35
CA ARG A 22 11.30 1.82 -21.35
C ARG A 22 9.87 2.15 -21.07
N LEU A 23 9.45 2.15 -19.81
CA LEU A 23 8.09 2.58 -19.51
C LEU A 23 7.86 4.03 -19.97
N ARG A 24 8.85 4.91 -19.76
CA ARG A 24 8.70 6.31 -20.11
C ARG A 24 8.57 6.37 -21.62
N SER A 25 9.47 5.68 -22.30
CA SER A 25 9.49 5.80 -23.73
C SER A 25 8.19 5.27 -24.35
N ARG A 26 7.54 4.30 -23.69
CA ARG A 26 6.30 3.71 -24.23
C ARG A 26 5.11 4.43 -23.71
N ASP A 27 5.37 5.31 -22.74
CA ASP A 27 4.39 6.19 -22.13
C ASP A 27 3.48 5.48 -21.20
N ILE A 28 4.02 4.58 -20.39
CA ILE A 28 3.19 3.77 -19.53
C ILE A 28 3.30 4.27 -18.10
N LEU A 29 2.14 4.45 -17.49
CA LEU A 29 1.98 5.04 -16.18
C LEU A 29 2.66 6.44 -16.01
N THR A 30 3.06 7.07 -17.10
CA THR A 30 3.48 8.46 -17.04
C THR A 30 2.35 9.30 -16.47
N ASP A 31 2.65 10.19 -15.52
CA ASP A 31 1.60 10.88 -14.75
C ASP A 31 1.77 12.41 -14.73
N VAL A 32 2.73 12.92 -15.50
CA VAL A 32 2.95 14.35 -15.61
C VAL A 32 3.53 14.70 -16.97
N VAL A 33 3.12 15.87 -17.49
CA VAL A 33 3.79 16.52 -18.64
C VAL A 33 4.53 17.76 -18.17
N ILE A 34 5.74 17.93 -18.68
CA ILE A 34 6.54 19.03 -18.31
C ILE A 34 6.62 19.85 -19.57
N VAL A 35 6.14 21.10 -19.48
CA VAL A 35 6.13 22.04 -20.61
C VAL A 35 7.29 23.05 -20.56
N VAL A 36 8.00 23.18 -21.67
CA VAL A 36 9.23 23.95 -21.71
C VAL A 36 9.20 24.66 -23.05
N SER A 37 8.92 25.98 -23.04
CA SER A 37 8.61 26.78 -24.25
C SER A 37 7.43 26.10 -24.87
N ARG A 38 7.57 25.68 -26.11
CA ARG A 38 6.41 25.05 -26.66
C ARG A 38 6.40 23.51 -26.51
N GLU A 39 7.51 22.93 -26.05
CA GLU A 39 7.71 21.46 -26.02
C GLU A 39 7.12 20.81 -24.82
N GLN A 40 6.77 19.53 -24.98
CA GLN A 40 6.25 18.69 -23.88
C GLN A 40 7.00 17.38 -23.71
N PHE A 41 7.12 16.97 -22.47
CA PHE A 41 7.89 15.78 -22.11
C PHE A 41 7.10 15.09 -21.09
N ARG A 42 6.67 13.87 -21.39
CA ARG A 42 5.90 13.12 -20.39
C ARG A 42 6.88 12.24 -19.58
N ALA A 43 6.57 12.01 -18.31
CA ALA A 43 7.50 11.32 -17.44
C ALA A 43 6.80 10.93 -16.18
N HIS A 44 7.59 10.39 -15.24
CA HIS A 44 7.06 9.89 -13.95
C HIS A 44 7.55 10.82 -12.86
N LYS A 45 6.63 11.27 -12.01
CA LYS A 45 6.94 12.24 -10.93
C LYS A 45 7.98 11.71 -9.99
N THR A 46 7.83 10.45 -9.61
CA THR A 46 8.73 9.81 -8.64
C THR A 46 10.14 9.78 -9.19
N VAL A 47 10.30 9.57 -10.50
CA VAL A 47 11.67 9.62 -11.06
C VAL A 47 12.21 11.05 -11.05
N LEU A 48 11.36 12.02 -11.41
CA LEU A 48 11.71 13.44 -11.31
C LEU A 48 12.11 13.85 -9.86
N MET A 49 11.29 13.48 -8.86
CA MET A 49 11.61 13.73 -7.45
C MET A 49 12.88 13.07 -6.96
N ALA A 50 13.21 11.91 -7.53
CA ALA A 50 14.34 11.14 -7.06
C ALA A 50 15.59 11.78 -7.61
N CYS A 51 15.45 12.59 -8.66
CA CYS A 51 16.66 13.19 -9.27
C CYS A 51 16.87 14.66 -8.99
N SER A 52 15.78 15.38 -8.69
CA SER A 52 15.83 16.83 -8.62
C SER A 52 15.10 17.39 -7.42
N GLY A 53 15.81 18.30 -6.73
CA GLY A 53 15.28 19.01 -5.55
C GLY A 53 14.17 19.94 -5.98
N LEU A 54 14.34 20.57 -7.14
CA LEU A 54 13.20 21.34 -7.67
C LEU A 54 11.91 20.52 -7.72
N PHE A 55 11.94 19.37 -8.43
CA PHE A 55 10.69 18.62 -8.77
C PHE A 55 10.20 18.01 -7.52
N TYR A 56 11.15 17.60 -6.68
CA TYR A 56 10.78 17.20 -5.33
C TYR A 56 9.96 18.26 -4.58
N SER A 57 10.33 19.55 -4.62
CA SER A 57 9.51 20.55 -3.88
C SER A 57 8.23 20.82 -4.57
N ILE A 58 8.23 20.78 -5.91
CA ILE A 58 6.99 20.89 -6.66
C ILE A 58 6.00 19.82 -6.31
N PHE A 59 6.38 18.54 -6.43
CA PHE A 59 5.41 17.45 -6.28
C PHE A 59 5.15 17.18 -4.84
N THR A 60 5.85 17.90 -4.00
CA THR A 60 5.69 17.79 -2.57
C THR A 60 4.90 18.99 -2.04
N ASP A 61 4.82 20.05 -2.85
CA ASP A 61 3.97 21.19 -2.56
C ASP A 61 2.49 20.80 -2.57
N GLN A 62 1.86 20.86 -1.40
CA GLN A 62 0.49 20.32 -1.25
C GLN A 62 -0.51 20.88 -2.27
N LEU A 63 -0.22 22.06 -2.79
CA LEU A 63 -1.04 22.63 -3.84
C LEU A 63 -0.79 22.03 -5.22
N LYS A 64 0.45 21.62 -5.49
CA LYS A 64 0.80 21.22 -6.85
C LYS A 64 0.99 19.70 -7.09
N ARG A 65 1.02 18.90 -6.01
CA ARG A 65 1.30 17.46 -6.12
C ARG A 65 0.37 16.71 -7.09
N ASN A 66 -0.88 17.19 -7.19
CA ASN A 66 -1.91 16.57 -8.04
C ASN A 66 -2.17 17.25 -9.38
N LEU A 67 -1.26 18.13 -9.78
CA LEU A 67 -1.28 18.67 -11.12
C LEU A 67 -0.72 17.62 -12.08
N SER A 68 -1.02 17.76 -13.36
CA SER A 68 -0.47 16.79 -14.29
C SER A 68 0.19 17.48 -15.44
N VAL A 69 0.10 18.81 -15.43
CA VAL A 69 0.91 19.66 -16.30
C VAL A 69 1.74 20.62 -15.44
N ILE A 70 3.00 20.80 -15.79
CA ILE A 70 3.88 21.64 -14.99
C ILE A 70 4.65 22.47 -15.95
N ASN A 71 4.46 23.79 -15.84
CA ASN A 71 5.11 24.77 -16.74
C ASN A 71 6.36 25.22 -16.08
N LEU A 72 7.48 25.11 -16.77
CA LEU A 72 8.78 25.53 -16.25
C LEU A 72 9.05 26.91 -16.78
N ASP A 73 9.85 27.67 -16.04
CA ASP A 73 10.30 29.00 -16.43
C ASP A 73 10.63 29.04 -17.91
N PRO A 74 10.03 30.01 -18.66
CA PRO A 74 10.13 30.23 -20.14
C PRO A 74 11.55 30.38 -20.61
N GLU A 75 12.43 30.69 -19.68
CA GLU A 75 13.84 30.84 -19.99
C GLU A 75 14.58 29.50 -20.21
N ILE A 76 14.02 28.41 -19.69
CA ILE A 76 14.64 27.07 -19.83
C ILE A 76 14.68 26.64 -21.29
N ASN A 77 15.84 26.14 -21.68
CA ASN A 77 16.10 25.62 -22.98
C ASN A 77 15.56 24.15 -23.10
N PRO A 78 14.59 23.91 -24.04
CA PRO A 78 14.05 22.59 -24.39
C PRO A 78 15.13 21.53 -24.55
N GLU A 79 16.12 21.82 -25.39
CA GLU A 79 17.18 20.89 -25.66
C GLU A 79 17.93 20.47 -24.38
N GLY A 80 18.21 21.47 -23.54
CA GLY A 80 18.85 21.27 -22.25
C GLY A 80 17.97 20.52 -21.28
N PHE A 81 16.68 20.80 -21.24
CA PHE A 81 15.86 20.02 -20.33
C PHE A 81 15.82 18.53 -20.80
N ASN A 82 15.72 18.33 -22.10
CA ASN A 82 15.63 17.01 -22.61
C ASN A 82 16.86 16.17 -22.22
N ILE A 83 18.05 16.68 -22.53
CA ILE A 83 19.33 16.05 -22.14
C ILE A 83 19.34 15.62 -20.68
N LEU A 84 18.71 16.41 -19.82
CA LEU A 84 18.78 16.10 -18.42
C LEU A 84 17.74 15.09 -18.05
N LEU A 85 16.58 15.18 -18.72
CA LEU A 85 15.54 14.18 -18.56
C LEU A 85 16.09 12.75 -18.97
N ASP A 86 16.73 12.64 -20.13
CA ASP A 86 17.34 11.42 -20.54
C ASP A 86 18.34 10.97 -19.52
N PHE A 87 19.25 11.86 -19.14
CA PHE A 87 20.21 11.55 -18.08
C PHE A 87 19.49 10.97 -16.85
N MET A 88 18.38 11.56 -16.44
CA MET A 88 17.72 11.04 -15.27
C MET A 88 17.37 9.56 -15.47
N TYR A 89 17.07 9.20 -16.72
CA TYR A 89 16.49 7.92 -17.01
C TYR A 89 17.52 6.94 -17.57
N THR A 90 18.74 7.41 -17.81
CA THR A 90 19.77 6.55 -18.36
C THR A 90 21.14 6.62 -17.67
N SER A 91 21.43 7.63 -16.84
CA SER A 91 22.79 7.81 -16.27
C SER A 91 23.79 8.39 -17.27
N ARG A 92 23.33 8.70 -18.48
CA ARG A 92 24.21 9.23 -19.50
C ARG A 92 23.86 10.64 -19.79
N LEU A 93 24.86 11.52 -19.76
CA LEU A 93 24.74 12.93 -20.08
C LEU A 93 25.32 13.16 -21.46
N ASN A 94 24.46 13.50 -22.41
CA ASN A 94 24.90 13.71 -23.79
C ASN A 94 25.11 15.18 -24.01
N LEU A 95 26.35 15.49 -24.36
CA LEU A 95 26.82 16.85 -24.39
C LEU A 95 27.39 17.11 -25.77
N ARG A 96 27.09 18.30 -26.27
CA ARG A 96 27.62 18.75 -27.55
C ARG A 96 28.11 20.18 -27.31
N GLU A 97 29.21 20.54 -27.98
CA GLU A 97 29.87 21.85 -27.80
C GLU A 97 28.98 23.08 -27.56
N GLY A 98 27.96 23.28 -28.40
CA GLY A 98 27.08 24.42 -28.28
C GLY A 98 25.91 24.28 -27.32
N ASN A 99 25.88 23.23 -26.49
CA ASN A 99 24.79 23.10 -25.51
C ASN A 99 25.20 23.00 -24.05
N ILE A 100 26.48 22.80 -23.79
CA ILE A 100 26.91 22.49 -22.43
C ILE A 100 26.58 23.58 -21.39
N MET A 101 26.60 24.83 -21.81
CA MET A 101 26.13 25.96 -21.00
C MET A 101 24.65 25.87 -20.63
N ALA A 102 23.83 25.54 -21.65
CA ALA A 102 22.37 25.36 -21.47
C ALA A 102 22.08 24.18 -20.53
N VAL A 103 22.87 23.11 -20.70
CA VAL A 103 22.75 21.95 -19.82
C VAL A 103 23.06 22.31 -18.38
N MET A 104 24.20 22.97 -18.19
CA MET A 104 24.62 23.46 -16.88
C MET A 104 23.56 24.37 -16.27
N ALA A 105 23.08 25.35 -17.02
CA ALA A 105 22.02 26.24 -16.51
C ALA A 105 20.75 25.47 -16.09
N THR A 106 20.35 24.49 -16.91
CA THR A 106 19.14 23.72 -16.56
C THR A 106 19.45 22.92 -15.29
N ALA A 107 20.61 22.32 -15.25
CA ALA A 107 20.97 21.51 -14.09
C ALA A 107 20.87 22.31 -12.83
N MET A 108 21.34 23.56 -12.90
CA MET A 108 21.31 24.45 -11.75
C MET A 108 19.90 24.82 -11.36
N TYR A 109 19.02 25.13 -12.32
CA TYR A 109 17.58 25.35 -12.06
C TYR A 109 16.91 24.12 -11.43
N LEU A 110 17.31 22.92 -11.86
CA LEU A 110 16.73 21.68 -11.37
C LEU A 110 17.36 21.19 -10.06
N GLN A 111 18.45 21.83 -9.63
CA GLN A 111 19.14 21.55 -8.37
C GLN A 111 19.82 20.19 -8.41
N MET A 112 20.74 20.07 -9.37
CA MET A 112 21.47 18.88 -9.67
C MET A 112 22.91 19.32 -9.82
N GLU A 113 23.51 19.57 -8.66
CA GLU A 113 24.80 20.24 -8.54
C GLU A 113 25.95 19.42 -9.09
N HIS A 114 25.90 18.11 -8.91
CA HIS A 114 27.00 17.24 -9.38
C HIS A 114 27.04 17.25 -10.90
N VAL A 115 25.87 17.36 -11.52
CA VAL A 115 25.84 17.57 -12.98
C VAL A 115 26.50 18.91 -13.36
N VAL A 116 26.04 20.01 -12.74
CA VAL A 116 26.68 21.31 -12.89
C VAL A 116 28.21 21.14 -12.78
N ASP A 117 28.70 20.72 -11.62
CA ASP A 117 30.17 20.56 -11.49
C ASP A 117 30.73 19.82 -12.67
N THR A 118 30.17 18.65 -12.99
CA THR A 118 30.69 17.78 -14.05
C THR A 118 30.83 18.49 -15.40
N CYS A 119 29.84 19.34 -15.68
CA CYS A 119 29.83 20.18 -16.87
C CYS A 119 31.01 21.14 -16.90
N ARG A 120 31.15 21.93 -15.83
CA ARG A 120 32.30 22.77 -15.55
C ARG A 120 33.61 22.00 -15.79
N LYS A 121 33.93 21.05 -14.91
CA LYS A 121 35.16 20.24 -15.03
C LYS A 121 35.30 19.64 -16.41
N PHE A 122 34.25 19.73 -17.21
CA PHE A 122 34.36 19.22 -18.55
C PHE A 122 35.07 20.22 -19.47
N ILE A 123 34.62 21.48 -19.48
CA ILE A 123 35.12 22.44 -20.47
C ILE A 123 36.65 22.65 -20.39
N LYS A 124 37.36 21.78 -21.11
CA LYS A 124 38.81 21.86 -21.32
C LYS A 124 39.06 22.28 -22.76
N ALA A 125 37.98 22.30 -23.55
CA ALA A 125 37.90 23.06 -24.81
C ALA A 125 37.35 24.49 -24.54
N SER A 126 38.13 25.29 -23.80
CA SER A 126 37.84 26.72 -23.56
C SER A 126 39.15 27.51 -23.31
N GLU A 127 39.21 28.76 -23.84
CA GLU A 127 40.43 29.61 -23.79
C GLU A 127 40.45 30.68 -22.67
N ARG B 3 33.35 13.14 -30.31
CA ARG B 3 32.57 12.25 -29.38
C ARG B 3 33.45 11.18 -28.71
N SER B 4 33.33 11.14 -27.39
CA SER B 4 33.94 10.11 -26.55
C SER B 4 32.95 9.71 -25.45
N GLU B 5 33.18 8.57 -24.81
CA GLU B 5 32.38 8.18 -23.65
C GLU B 5 33.27 8.15 -22.40
N ILE B 6 32.99 9.03 -21.45
CA ILE B 6 33.80 9.04 -20.24
C ILE B 6 32.98 8.78 -18.98
N ILE B 7 33.64 8.27 -17.96
CA ILE B 7 32.97 7.89 -16.74
C ILE B 7 33.07 9.02 -15.74
N SER B 8 32.01 9.18 -14.96
CA SER B 8 32.07 9.99 -13.76
C SER B 8 31.55 9.20 -12.56
N THR B 9 32.25 9.39 -11.45
CA THR B 9 32.00 8.58 -10.26
C THR B 9 31.36 9.46 -9.20
N ALA B 10 31.14 10.71 -9.56
CA ALA B 10 30.47 11.68 -8.71
C ALA B 10 29.17 11.13 -8.14
N PRO B 11 29.06 11.14 -6.81
CA PRO B 11 27.78 10.85 -6.18
C PRO B 11 26.80 12.01 -6.44
N SER B 12 25.53 11.72 -6.31
CA SER B 12 24.54 12.71 -6.60
C SER B 12 24.56 13.71 -5.45
N SER B 13 24.40 14.98 -5.76
CA SER B 13 24.15 16.00 -4.75
C SER B 13 22.78 15.90 -4.09
N TRP B 14 21.76 15.49 -4.83
CA TRP B 14 20.41 15.48 -4.28
C TRP B 14 20.08 14.18 -3.56
N VAL B 15 19.53 14.31 -2.37
CA VAL B 15 19.16 13.22 -1.54
C VAL B 15 17.82 13.64 -0.99
N VAL B 16 16.83 12.74 -1.04
CA VAL B 16 15.51 13.02 -0.48
C VAL B 16 15.70 13.06 1.03
N PRO B 17 15.21 14.12 1.71
CA PRO B 17 15.20 14.10 3.17
C PRO B 17 14.66 12.76 3.65
N GLY B 18 15.17 12.22 4.75
CA GLY B 18 14.52 11.05 5.36
C GLY B 18 13.74 11.25 6.68
N PRO B 19 13.25 12.50 6.98
CA PRO B 19 13.17 12.87 8.41
C PRO B 19 11.89 12.38 9.07
N ALA C 3 33.43 17.05 -31.36
CA ALA C 3 32.02 17.35 -31.76
C ALA C 3 31.06 17.03 -30.60
N ASP C 4 30.89 15.73 -30.31
CA ASP C 4 29.96 15.30 -29.26
C ASP C 4 30.63 15.13 -27.89
N SER C 5 30.20 14.12 -27.12
CA SER C 5 30.65 13.87 -25.72
C SER C 5 29.54 13.34 -24.82
N GLN C 6 29.88 12.38 -23.98
CA GLN C 6 28.88 11.58 -23.33
C GLN C 6 29.40 11.02 -22.04
N ILE C 7 28.77 11.41 -20.94
CA ILE C 7 29.30 11.05 -19.63
C ILE C 7 28.40 10.10 -18.85
N GLN C 8 28.95 8.94 -18.51
CA GLN C 8 28.26 7.94 -17.73
C GLN C 8 28.48 8.22 -16.27
N PHE C 9 27.38 8.34 -15.52
CA PHE C 9 27.48 8.45 -14.11
C PHE C 9 27.27 7.08 -13.44
N THR C 10 28.37 6.49 -12.99
CA THR C 10 28.38 5.14 -12.41
C THR C 10 27.54 5.05 -11.16
N ARG C 11 27.38 6.12 -10.41
CA ARG C 11 26.53 6.04 -9.21
C ARG C 11 25.07 6.38 -9.42
N HIS C 12 24.68 6.79 -10.62
CA HIS C 12 23.39 7.47 -10.79
C HIS C 12 22.16 6.60 -10.44
N ALA C 13 22.12 5.40 -11.03
CA ALA C 13 20.99 4.47 -10.94
C ALA C 13 20.78 4.12 -9.52
N SER C 14 21.90 3.86 -8.91
CA SER C 14 21.92 3.53 -7.48
C SER C 14 21.43 4.70 -6.61
N ASP C 15 21.76 5.94 -7.00
CA ASP C 15 21.26 7.16 -6.31
C ASP C 15 19.76 7.34 -6.48
N VAL C 16 19.25 7.10 -7.70
CA VAL C 16 17.79 7.14 -7.95
C VAL C 16 17.01 6.16 -7.04
N LEU C 17 17.48 4.91 -7.02
CA LEU C 17 16.85 3.84 -6.21
C LEU C 17 16.69 4.20 -4.73
N LEU C 18 17.80 4.67 -4.18
CA LEU C 18 17.90 5.17 -2.79
C LEU C 18 16.89 6.24 -2.50
N ASN C 19 16.74 7.21 -3.41
CA ASN C 19 15.65 8.20 -3.26
C ASN C 19 14.22 7.62 -3.43
N LEU C 20 14.05 6.68 -4.40
CA LEU C 20 12.71 6.03 -4.54
C LEU C 20 12.39 5.31 -3.27
N ASN C 21 13.39 4.69 -2.67
CA ASN C 21 13.14 4.04 -1.36
C ASN C 21 12.84 5.05 -0.26
N ARG C 22 13.53 6.20 -0.26
CA ARG C 22 13.18 7.24 0.73
C ARG C 22 11.80 7.80 0.49
N LEU C 23 11.38 7.99 -0.77
CA LEU C 23 9.96 8.35 -1.02
C LEU C 23 9.00 7.32 -0.46
N ARG C 24 9.36 6.04 -0.62
CA ARG C 24 8.46 5.03 -0.17
C ARG C 24 8.29 5.04 1.35
N SER C 25 9.38 5.17 2.10
CA SER C 25 9.23 5.12 3.56
C SER C 25 8.53 6.36 4.15
N ARG C 26 8.59 7.47 3.41
CA ARG C 26 7.81 8.66 3.76
C ARG C 26 6.39 8.63 3.17
N ASP C 27 6.09 7.55 2.45
CA ASP C 27 4.80 7.33 1.82
C ASP C 27 4.44 8.38 0.77
N ILE C 28 5.44 8.81 0.01
CA ILE C 28 5.26 9.91 -0.97
C ILE C 28 5.00 9.30 -2.32
N LEU C 29 3.87 9.60 -2.92
CA LEU C 29 3.56 9.33 -4.32
C LEU C 29 3.57 7.83 -4.65
N THR C 30 3.42 7.07 -3.57
CA THR C 30 2.95 5.71 -3.53
C THR C 30 1.48 5.65 -4.00
N ASP C 31 1.20 4.84 -5.01
CA ASP C 31 -0.12 4.77 -5.66
C ASP C 31 -0.78 3.40 -5.61
N VAL C 32 -0.27 2.48 -4.78
CA VAL C 32 -0.91 1.16 -4.68
C VAL C 32 -0.60 0.57 -3.32
N VAL C 33 -1.51 -0.26 -2.78
CA VAL C 33 -1.21 -1.19 -1.66
C VAL C 33 -1.26 -2.62 -2.19
N ILE C 34 -0.26 -3.41 -1.80
CA ILE C 34 -0.25 -4.80 -2.10
C ILE C 34 -0.68 -5.53 -0.84
N VAL C 35 -1.79 -6.26 -0.94
CA VAL C 35 -2.30 -7.06 0.17
C VAL C 35 -1.88 -8.55 0.06
N VAL C 36 -1.13 -8.97 1.08
CA VAL C 36 -0.60 -10.33 1.13
C VAL C 36 -1.11 -10.91 2.43
N SER C 37 -1.90 -11.97 2.33
CA SER C 37 -2.65 -12.46 3.47
C SER C 37 -3.36 -11.26 4.05
N ARG C 38 -3.08 -10.87 5.29
CA ARG C 38 -3.79 -9.66 5.73
C ARG C 38 -2.86 -8.45 5.95
N GLU C 39 -1.65 -8.55 5.43
CA GLU C 39 -0.71 -7.47 5.56
C GLU C 39 -0.67 -6.63 4.31
N GLN C 40 -0.32 -5.36 4.52
CA GLN C 40 -0.42 -4.32 3.52
C GLN C 40 0.96 -3.77 3.23
N PHE C 41 1.29 -3.50 1.96
CA PHE C 41 2.59 -2.95 1.64
C PHE C 41 2.40 -1.83 0.59
N ARG C 42 2.87 -0.62 0.85
CA ARG C 42 2.55 0.43 -0.10
C ARG C 42 3.72 0.56 -0.99
N ALA C 43 3.53 0.96 -2.23
CA ALA C 43 4.65 1.02 -3.13
C ALA C 43 4.31 1.91 -4.32
N HIS C 44 5.25 2.11 -5.25
CA HIS C 44 4.97 2.75 -6.53
C HIS C 44 4.83 1.72 -7.64
N LYS C 45 3.71 1.78 -8.35
CA LYS C 45 3.44 0.88 -9.45
C LYS C 45 4.60 0.85 -10.43
N THR C 46 5.25 1.98 -10.70
CA THR C 46 6.24 1.92 -11.73
C THR C 46 7.45 1.15 -11.19
N VAL C 47 7.71 1.17 -9.89
CA VAL C 47 8.88 0.45 -9.42
C VAL C 47 8.57 -1.06 -9.53
N LEU C 48 7.36 -1.44 -9.15
CA LEU C 48 6.88 -2.82 -9.26
C LEU C 48 7.01 -3.35 -10.66
N MET C 49 6.53 -2.58 -11.65
CA MET C 49 6.53 -2.95 -13.05
C MET C 49 7.94 -2.99 -13.60
N ALA C 50 8.86 -2.28 -12.95
CA ALA C 50 10.23 -2.19 -13.47
C ALA C 50 11.05 -3.38 -12.99
N CYS C 51 10.55 -4.04 -11.97
CA CYS C 51 11.19 -5.18 -11.35
C CYS C 51 10.55 -6.55 -11.69
N SER C 52 9.27 -6.59 -12.03
CA SER C 52 8.49 -7.81 -11.99
C SER C 52 7.55 -7.95 -13.18
N GLY C 53 7.64 -9.03 -13.95
CA GLY C 53 6.72 -9.23 -15.10
C GLY C 53 5.26 -9.41 -14.63
N LEU C 54 5.03 -9.98 -13.48
CA LEU C 54 3.63 -10.05 -13.03
C LEU C 54 2.98 -8.65 -12.86
N PHE C 55 3.73 -7.71 -12.22
CA PHE C 55 3.15 -6.36 -11.90
C PHE C 55 3.11 -5.60 -13.20
N TYR C 56 4.09 -5.84 -14.05
CA TYR C 56 3.94 -5.25 -15.37
C TYR C 56 2.65 -5.69 -16.07
N SER C 57 2.30 -6.99 -15.99
CA SER C 57 1.09 -7.47 -16.62
C SER C 57 -0.18 -6.98 -15.98
N ILE C 58 -0.22 -6.91 -14.66
CA ILE C 58 -1.37 -6.34 -13.99
C ILE C 58 -1.64 -4.88 -14.43
N PHE C 59 -0.68 -3.98 -14.33
CA PHE C 59 -0.99 -2.54 -14.54
C PHE C 59 -0.99 -2.12 -15.98
N THR C 60 -0.71 -3.06 -16.84
CA THR C 60 -0.68 -2.81 -18.27
C THR C 60 -2.01 -3.44 -18.81
N ASP C 61 -2.78 -4.09 -17.93
CA ASP C 61 -4.09 -4.52 -18.29
C ASP C 61 -5.08 -3.36 -18.11
N GLN C 62 -5.75 -2.91 -19.17
CA GLN C 62 -6.67 -1.76 -18.98
C GLN C 62 -7.77 -1.89 -17.91
N LEU C 63 -8.22 -3.10 -17.58
CA LEU C 63 -9.19 -3.26 -16.48
C LEU C 63 -8.50 -3.21 -15.12
N LYS C 64 -7.18 -3.10 -15.11
CA LYS C 64 -6.43 -3.17 -13.85
C LYS C 64 -5.42 -2.03 -13.64
N ARG C 65 -5.14 -1.22 -14.65
CA ARG C 65 -4.24 -0.10 -14.54
C ARG C 65 -4.55 0.79 -13.34
N ASN C 66 -5.83 0.94 -13.04
CA ASN C 66 -6.34 1.91 -12.10
C ASN C 66 -6.82 1.33 -10.80
N LEU C 67 -6.40 0.08 -10.59
CA LEU C 67 -6.59 -0.53 -9.25
C LEU C 67 -5.49 -0.01 -8.29
N SER C 68 -5.97 0.17 -7.06
CA SER C 68 -5.15 0.86 -6.04
C SER C 68 -4.83 -0.10 -4.94
N VAL C 69 -5.44 -1.27 -5.05
CA VAL C 69 -5.24 -2.39 -4.15
C VAL C 69 -5.02 -3.62 -5.05
N ILE C 70 -3.94 -4.36 -4.79
CA ILE C 70 -3.72 -5.66 -5.41
C ILE C 70 -3.67 -6.71 -4.31
N ASN C 71 -4.56 -7.67 -4.39
CA ASN C 71 -4.50 -8.88 -3.51
C ASN C 71 -3.64 -9.95 -4.13
N LEU C 72 -2.56 -10.33 -3.47
CA LEU C 72 -1.75 -11.40 -4.04
C LEU C 72 -2.42 -12.74 -3.78
N ASP C 73 -2.15 -13.69 -4.66
CA ASP C 73 -2.50 -15.08 -4.45
C ASP C 73 -2.32 -15.44 -2.97
N PRO C 74 -3.37 -16.03 -2.34
CA PRO C 74 -3.39 -16.37 -0.91
C PRO C 74 -2.30 -17.34 -0.52
N GLU C 75 -1.76 -18.06 -1.49
CA GLU C 75 -0.65 -18.94 -1.25
C GLU C 75 0.60 -18.15 -0.84
N ILE C 76 0.69 -16.89 -1.28
CA ILE C 76 1.90 -16.13 -1.02
C ILE C 76 1.99 -15.74 0.44
N ASN C 77 3.22 -15.75 0.90
CA ASN C 77 3.60 -15.55 2.26
C ASN C 77 4.13 -14.09 2.41
N PRO C 78 3.62 -13.33 3.40
CA PRO C 78 4.05 -11.95 3.65
C PRO C 78 5.58 -11.72 3.84
N GLU C 79 6.23 -12.50 4.71
CA GLU C 79 7.67 -12.36 4.96
C GLU C 79 8.44 -12.46 3.65
N GLY C 80 8.00 -13.33 2.76
CA GLY C 80 8.67 -13.55 1.48
C GLY C 80 8.39 -12.43 0.50
N PHE C 81 7.17 -11.88 0.56
CA PHE C 81 6.91 -10.66 -0.22
C PHE C 81 7.70 -9.44 0.26
N ASN C 82 7.74 -9.26 1.57
CA ASN C 82 8.42 -8.16 2.15
C ASN C 82 9.89 -8.14 1.77
N ILE C 83 10.47 -9.33 1.80
CA ILE C 83 11.88 -9.50 1.38
C ILE C 83 11.99 -9.06 -0.05
N LEU C 84 11.06 -9.56 -0.91
CA LEU C 84 11.23 -9.09 -2.32
C LEU C 84 11.04 -7.62 -2.51
N LEU C 85 10.04 -7.02 -1.88
CA LEU C 85 9.83 -5.57 -1.99
C LEU C 85 11.09 -4.78 -1.59
N ASP C 86 11.66 -5.09 -0.40
CA ASP C 86 12.92 -4.45 0.02
C ASP C 86 14.04 -4.63 -0.96
N PHE C 87 14.10 -5.81 -1.58
CA PHE C 87 15.09 -6.02 -2.61
C PHE C 87 14.86 -5.10 -3.82
N MET C 88 13.59 -4.94 -4.20
CA MET C 88 13.19 -4.14 -5.35
C MET C 88 13.71 -2.72 -5.18
N TYR C 89 13.55 -2.19 -3.96
CA TYR C 89 13.88 -0.85 -3.61
C TYR C 89 15.30 -0.66 -3.10
N THR C 90 16.09 -1.72 -2.93
CA THR C 90 17.43 -1.52 -2.35
C THR C 90 18.56 -2.29 -3.01
N SER C 91 18.26 -3.32 -3.82
CA SER C 91 19.30 -4.24 -4.35
C SER C 91 19.77 -5.32 -3.36
N ARG C 92 19.21 -5.34 -2.16
CA ARG C 92 19.71 -6.20 -1.14
C ARG C 92 18.70 -7.29 -0.87
N LEU C 93 19.07 -8.54 -1.14
CA LEU C 93 18.22 -9.68 -0.80
C LEU C 93 18.65 -10.30 0.53
N ASN C 94 17.79 -10.21 1.53
CA ASN C 94 18.08 -10.71 2.88
C ASN C 94 17.50 -12.10 3.12
N LEU C 95 18.34 -13.12 2.92
CA LEU C 95 17.95 -14.53 3.00
C LEU C 95 18.24 -15.19 4.33
N ARG C 96 17.31 -16.01 4.80
CA ARG C 96 17.55 -16.85 5.99
C ARG C 96 17.31 -18.30 5.72
N GLU C 97 17.67 -19.13 6.71
CA GLU C 97 17.29 -20.54 6.73
C GLU C 97 15.77 -20.63 6.72
N GLY C 98 15.14 -19.95 7.70
CA GLY C 98 13.68 -19.90 7.82
C GLY C 98 12.91 -19.59 6.53
N ASN C 99 13.35 -18.54 5.84
CA ASN C 99 12.53 -17.94 4.79
C ASN C 99 12.90 -18.23 3.35
N ILE C 100 14.07 -18.81 3.12
CA ILE C 100 14.55 -18.98 1.76
C ILE C 100 13.54 -19.66 0.82
N MET C 101 12.77 -20.60 1.32
CA MET C 101 11.82 -21.28 0.48
C MET C 101 10.68 -20.38 0.01
N ALA C 102 10.16 -19.60 0.94
CA ALA C 102 9.10 -18.63 0.67
C ALA C 102 9.62 -17.54 -0.27
N VAL C 103 10.87 -17.11 -0.09
CA VAL C 103 11.46 -16.11 -0.95
C VAL C 103 11.51 -16.63 -2.38
N MET C 104 11.96 -17.86 -2.55
CA MET C 104 12.16 -18.38 -3.92
C MET C 104 10.78 -18.60 -4.61
N ALA C 105 9.80 -19.00 -3.81
CA ALA C 105 8.45 -19.20 -4.33
C ALA C 105 7.79 -17.84 -4.74
N THR C 106 7.92 -16.84 -3.87
CA THR C 106 7.49 -15.48 -4.21
C THR C 106 8.17 -14.93 -5.47
N ALA C 107 9.49 -15.14 -5.59
CA ALA C 107 10.20 -14.66 -6.77
C ALA C 107 9.64 -15.26 -8.05
N MET C 108 9.20 -16.50 -7.93
CA MET C 108 8.76 -17.21 -9.11
C MET C 108 7.39 -16.71 -9.49
N TYR C 109 6.52 -16.57 -8.50
CA TYR C 109 5.22 -15.93 -8.71
C TYR C 109 5.42 -14.55 -9.38
N LEU C 110 6.35 -13.76 -8.82
CA LEU C 110 6.59 -12.41 -9.29
C LEU C 110 7.28 -12.37 -10.65
N GLN C 111 7.66 -13.53 -11.17
CA GLN C 111 8.41 -13.65 -12.45
C GLN C 111 9.71 -12.93 -12.37
N MET C 112 10.46 -13.23 -11.29
CA MET C 112 11.84 -12.75 -11.14
C MET C 112 12.82 -13.93 -11.09
N GLU C 113 13.11 -14.48 -12.28
CA GLU C 113 13.91 -15.72 -12.41
C GLU C 113 15.32 -15.62 -11.83
N HIS C 114 15.99 -14.49 -12.10
CA HIS C 114 17.37 -14.31 -11.61
C HIS C 114 17.41 -14.39 -10.07
N VAL C 115 16.34 -14.06 -9.38
CA VAL C 115 16.33 -14.16 -7.92
C VAL C 115 16.16 -15.62 -7.49
N VAL C 116 15.40 -16.37 -8.28
CA VAL C 116 15.18 -17.80 -8.07
C VAL C 116 16.54 -18.51 -8.20
N ASP C 117 17.18 -18.34 -9.36
CA ASP C 117 18.53 -18.83 -9.59
C ASP C 117 19.53 -18.48 -8.49
N THR C 118 19.54 -17.24 -8.05
CA THR C 118 20.46 -16.85 -6.98
C THR C 118 20.15 -17.61 -5.66
N CYS C 119 18.88 -17.99 -5.47
CA CYS C 119 18.44 -18.71 -4.30
C CYS C 119 18.83 -20.22 -4.30
N ARG C 120 18.81 -20.83 -5.49
CA ARG C 120 19.47 -22.11 -5.70
C ARG C 120 20.97 -21.97 -5.46
N LYS C 121 21.64 -21.15 -6.28
CA LYS C 121 23.08 -20.99 -6.15
C LYS C 121 23.47 -20.58 -4.74
N PHE C 122 22.53 -20.64 -3.80
CA PHE C 122 22.77 -20.27 -2.41
C PHE C 122 22.57 -21.49 -1.51
N ILE C 123 21.70 -22.38 -1.97
CA ILE C 123 21.60 -23.70 -1.39
C ILE C 123 22.86 -24.48 -1.85
N LYS C 124 24.02 -23.83 -1.65
CA LYS C 124 25.35 -24.42 -1.76
C LYS C 124 25.86 -24.50 -0.33
N ALA C 125 25.78 -23.38 0.40
CA ALA C 125 25.90 -23.42 1.87
C ALA C 125 24.67 -24.18 2.44
N SER C 126 24.44 -25.37 1.87
CA SER C 126 23.33 -26.27 2.22
C SER C 126 23.54 -27.65 1.55
N ARG D 3 25.19 -13.41 8.90
CA ARG D 3 25.11 -12.82 7.51
C ARG D 3 26.49 -12.51 6.92
N SER D 4 26.83 -13.28 5.89
CA SER D 4 27.93 -12.92 5.00
C SER D 4 27.45 -11.74 4.11
N GLU D 5 28.39 -10.89 3.69
CA GLU D 5 28.12 -9.85 2.68
C GLU D 5 28.56 -10.40 1.31
N ILE D 6 27.57 -10.80 0.52
CA ILE D 6 27.82 -11.59 -0.67
C ILE D 6 27.28 -10.89 -1.93
N ILE D 7 28.05 -10.92 -3.02
CA ILE D 7 27.74 -10.12 -4.20
C ILE D 7 27.24 -10.99 -5.34
N SER D 8 26.20 -10.52 -6.01
CA SER D 8 25.75 -11.15 -7.26
C SER D 8 25.77 -10.17 -8.41
N THR D 9 26.19 -10.70 -9.54
CA THR D 9 26.36 -10.02 -10.80
C THR D 9 25.21 -10.38 -11.74
N ALA D 10 24.27 -11.16 -11.24
CA ALA D 10 23.19 -11.62 -12.10
C ALA D 10 22.38 -10.44 -12.70
N PRO D 11 22.26 -10.39 -14.05
CA PRO D 11 21.38 -9.44 -14.69
C PRO D 11 19.95 -9.85 -14.41
N SER D 12 19.06 -8.88 -14.27
CA SER D 12 17.64 -9.17 -14.23
C SER D 12 17.07 -10.02 -15.42
N SER D 13 16.17 -10.94 -15.14
CA SER D 13 15.47 -11.63 -16.20
C SER D 13 14.27 -10.83 -16.71
N TRP D 14 13.75 -9.91 -15.91
CA TRP D 14 12.65 -9.07 -16.35
C TRP D 14 13.17 -7.84 -17.13
N VAL D 15 12.85 -7.76 -18.41
CA VAL D 15 13.05 -6.59 -19.23
C VAL D 15 11.70 -6.13 -19.78
N VAL D 16 11.32 -4.87 -19.64
CA VAL D 16 10.05 -4.40 -20.21
C VAL D 16 10.07 -4.59 -21.72
N PRO D 17 9.02 -5.22 -22.28
CA PRO D 17 8.94 -5.37 -23.76
C PRO D 17 8.86 -4.02 -24.50
N GLY D 18 9.27 -4.01 -25.78
CA GLY D 18 9.34 -2.82 -26.56
C GLY D 18 8.25 -2.62 -27.61
N PRO D 19 7.36 -3.61 -27.78
CA PRO D 19 6.84 -3.73 -29.14
C PRO D 19 6.02 -2.52 -29.52
N ALA E 3 -30.44 31.58 -11.55
CA ALA E 3 -30.87 30.85 -12.82
C ALA E 3 -31.49 29.44 -12.72
N ASP E 4 -31.44 28.79 -11.55
CA ASP E 4 -31.96 27.42 -11.40
C ASP E 4 -33.24 27.36 -10.57
N SER E 5 -34.15 26.43 -10.89
CA SER E 5 -35.17 25.97 -9.94
C SER E 5 -34.49 24.96 -9.06
N GLN E 6 -34.50 25.21 -7.76
CA GLN E 6 -33.83 24.29 -6.88
C GLN E 6 -34.81 23.61 -5.99
N ILE E 7 -34.71 22.29 -5.97
CA ILE E 7 -35.57 21.46 -5.19
C ILE E 7 -34.73 20.89 -4.07
N GLN E 8 -35.07 21.23 -2.84
CA GLN E 8 -34.44 20.64 -1.68
C GLN E 8 -35.17 19.38 -1.23
N PHE E 9 -34.42 18.29 -1.07
CA PHE E 9 -35.00 17.06 -0.57
C PHE E 9 -34.70 17.05 0.91
N THR E 10 -35.72 17.29 1.71
CA THR E 10 -35.54 17.41 3.16
C THR E 10 -35.17 16.10 3.83
N ARG E 11 -35.33 14.96 3.17
CA ARG E 11 -34.92 13.77 3.89
C ARG E 11 -33.65 13.07 3.36
N HIS E 12 -32.98 13.77 2.43
CA HIS E 12 -31.81 13.25 1.70
C HIS E 12 -30.68 12.95 2.63
N ALA E 13 -30.30 13.94 3.43
CA ALA E 13 -29.20 13.82 4.36
C ALA E 13 -29.34 12.60 5.28
N SER E 14 -30.56 12.36 5.76
CA SER E 14 -30.89 11.23 6.63
C SER E 14 -30.89 9.92 5.90
N ASP E 15 -31.31 9.96 4.63
CA ASP E 15 -31.30 8.74 3.82
C ASP E 15 -29.87 8.38 3.58
N VAL E 16 -29.03 9.40 3.38
CA VAL E 16 -27.64 9.15 3.08
C VAL E 16 -27.02 8.52 4.31
N LEU E 17 -27.23 9.15 5.47
CA LEU E 17 -26.64 8.67 6.71
C LEU E 17 -27.11 7.22 7.03
N LEU E 18 -28.37 6.93 6.76
CA LEU E 18 -28.94 5.61 6.94
C LEU E 18 -28.20 4.61 6.08
N ASN E 19 -28.02 4.94 4.80
CA ASN E 19 -27.30 4.05 3.90
C ASN E 19 -25.81 3.87 4.27
N LEU E 20 -25.19 4.90 4.83
CA LEU E 20 -23.81 4.81 5.28
C LEU E 20 -23.70 3.83 6.46
N ASN E 21 -24.73 3.81 7.29
CA ASN E 21 -24.75 2.88 8.37
C ASN E 21 -24.90 1.45 7.86
N ARG E 22 -25.77 1.19 6.86
CA ARG E 22 -25.88 -0.17 6.32
C ARG E 22 -24.55 -0.61 5.78
N LEU E 23 -23.85 0.28 5.05
CA LEU E 23 -22.52 -0.05 4.51
C LEU E 23 -21.62 -0.42 5.66
N ARG E 24 -21.76 0.31 6.78
CA ARG E 24 -20.95 0.00 7.96
C ARG E 24 -21.20 -1.43 8.50
N SER E 25 -22.47 -1.73 8.74
CA SER E 25 -22.75 -2.95 9.44
C SER E 25 -22.62 -4.13 8.49
N ARG E 26 -22.62 -3.88 7.18
CA ARG E 26 -22.25 -4.96 6.24
C ARG E 26 -20.78 -4.91 5.90
N ASP E 27 -20.03 -4.08 6.60
CA ASP E 27 -18.60 -3.91 6.35
C ASP E 27 -18.19 -3.53 4.91
N ILE E 28 -19.05 -2.80 4.19
CA ILE E 28 -18.73 -2.37 2.81
C ILE E 28 -17.96 -1.06 2.76
N LEU E 29 -16.84 -1.06 2.04
CA LEU E 29 -15.91 0.07 1.93
C LEU E 29 -15.39 0.63 3.23
N THR E 30 -15.66 -0.02 4.36
CA THR E 30 -14.96 0.40 5.59
C THR E 30 -13.49 0.40 5.28
N ASP E 31 -12.72 1.34 5.81
CA ASP E 31 -11.31 1.45 5.39
C ASP E 31 -10.39 1.65 6.55
N VAL E 32 -10.91 1.60 7.75
CA VAL E 32 -10.01 1.71 8.86
C VAL E 32 -10.50 0.92 10.06
N VAL E 33 -9.57 0.51 10.92
CA VAL E 33 -9.97 -0.08 12.18
C VAL E 33 -9.54 0.84 13.31
N ILE E 34 -10.49 1.21 14.16
CA ILE E 34 -10.15 1.97 15.36
C ILE E 34 -9.98 0.98 16.51
N VAL E 35 -8.80 0.98 17.11
CA VAL E 35 -8.47 0.09 18.21
C VAL E 35 -8.53 0.88 19.53
N VAL E 36 -9.40 0.40 20.43
CA VAL E 36 -9.65 1.01 21.74
C VAL E 36 -9.45 -0.06 22.83
N SER E 37 -8.29 0.01 23.49
CA SER E 37 -7.82 -1.04 24.41
C SER E 37 -7.93 -2.42 23.74
N ARG E 38 -8.84 -3.25 24.29
CA ARG E 38 -9.21 -4.54 23.73
C ARG E 38 -9.69 -4.40 22.28
N GLU E 39 -10.65 -3.50 22.09
CA GLU E 39 -11.59 -3.61 20.98
C GLU E 39 -11.28 -2.93 19.66
N GLN E 40 -12.02 -3.36 18.66
CA GLN E 40 -11.83 -2.98 17.29
C GLN E 40 -13.16 -2.54 16.72
N PHE E 41 -13.13 -1.42 16.00
CA PHE E 41 -14.31 -0.88 15.32
C PHE E 41 -13.88 -0.54 13.91
N ARG E 42 -14.56 -1.16 12.96
CA ARG E 42 -14.40 -0.87 11.56
C ARG E 42 -15.21 0.41 11.24
N ALA E 43 -14.64 1.31 10.44
CA ALA E 43 -15.42 2.49 10.04
C ALA E 43 -14.98 3.09 8.70
N HIS E 44 -15.70 4.10 8.22
CA HIS E 44 -15.22 4.87 7.07
C HIS E 44 -14.55 6.09 7.56
N LYS E 45 -13.33 6.32 7.10
CA LYS E 45 -12.56 7.49 7.47
C LYS E 45 -13.30 8.83 7.24
N THR E 46 -13.93 8.96 6.08
CA THR E 46 -14.62 10.20 5.76
C THR E 46 -15.74 10.53 6.74
N VAL E 47 -16.53 9.52 7.13
CA VAL E 47 -17.52 9.71 8.17
C VAL E 47 -16.86 10.15 9.50
N LEU E 48 -15.76 9.50 9.87
CA LEU E 48 -15.12 9.89 11.09
C LEU E 48 -14.73 11.35 11.02
N MET E 49 -14.13 11.75 9.90
CA MET E 49 -13.63 13.10 9.69
C MET E 49 -14.76 14.09 9.62
N ALA E 50 -15.92 13.66 9.14
CA ALA E 50 -17.08 14.55 9.10
C ALA E 50 -17.74 14.81 10.46
N CYS E 51 -17.38 14.04 11.49
CA CYS E 51 -17.98 14.22 12.85
C CYS E 51 -17.04 14.67 13.94
N SER E 52 -15.75 14.46 13.75
CA SER E 52 -14.77 14.77 14.78
C SER E 52 -13.53 15.45 14.20
N GLY E 53 -13.11 16.55 14.81
CA GLY E 53 -11.87 17.19 14.38
C GLY E 53 -10.62 16.45 14.84
N LEU E 54 -10.77 15.56 15.80
CA LEU E 54 -9.67 14.68 16.15
C LEU E 54 -9.32 13.81 14.95
N PHE E 55 -10.32 13.10 14.44
CA PHE E 55 -10.11 12.26 13.27
C PHE E 55 -9.67 13.01 12.03
N TYR E 56 -10.21 14.21 11.88
CA TYR E 56 -9.80 15.09 10.80
C TYR E 56 -8.33 15.40 10.95
N SER E 57 -7.86 15.68 12.15
CA SER E 57 -6.41 16.00 12.29
C SER E 57 -5.52 14.80 11.98
N ILE E 58 -6.01 13.61 12.31
CA ILE E 58 -5.31 12.35 12.02
C ILE E 58 -5.25 12.09 10.53
N PHE E 59 -6.37 12.00 9.83
CA PHE E 59 -6.32 11.58 8.42
C PHE E 59 -5.84 12.60 7.42
N THR E 60 -5.43 13.73 7.98
CA THR E 60 -5.06 14.90 7.22
C THR E 60 -3.56 15.01 7.30
N ASP E 61 -2.99 14.23 8.19
CA ASP E 61 -1.55 13.98 8.28
C ASP E 61 -1.10 13.04 7.13
N GLN E 62 -0.30 13.53 6.21
CA GLN E 62 0.19 12.71 5.11
C GLN E 62 0.88 11.37 5.52
N LEU E 63 1.59 11.30 6.66
CA LEU E 63 2.10 10.01 7.12
C LEU E 63 1.03 9.11 7.64
N LYS E 64 -0.19 9.62 7.79
CA LYS E 64 -1.27 8.85 8.45
C LYS E 64 -2.51 8.64 7.58
N ARG E 65 -2.60 9.38 6.47
CA ARG E 65 -3.69 9.28 5.52
C ARG E 65 -4.05 7.83 5.19
N ASN E 66 -3.00 7.06 4.88
CA ASN E 66 -3.11 5.71 4.36
C ASN E 66 -2.99 4.60 5.37
N LEU E 67 -3.03 4.90 6.67
CA LEU E 67 -3.07 3.87 7.69
C LEU E 67 -4.40 3.17 7.68
N SER E 68 -4.37 1.89 7.99
CA SER E 68 -5.60 1.11 8.00
C SER E 68 -5.92 0.71 9.44
N VAL E 69 -5.05 1.08 10.36
CA VAL E 69 -5.32 0.83 11.78
C VAL E 69 -4.97 2.09 12.54
N ILE E 70 -5.81 2.44 13.51
CA ILE E 70 -5.51 3.60 14.31
C ILE E 70 -5.80 3.27 15.73
N ASN E 71 -4.82 3.48 16.60
CA ASN E 71 -4.97 3.26 18.05
C ASN E 71 -5.29 4.51 18.77
N LEU E 72 -6.36 4.49 19.54
CA LEU E 72 -6.66 5.65 20.31
C LEU E 72 -5.88 5.66 21.64
N ASP E 73 -6.03 6.75 22.39
CA ASP E 73 -5.54 6.83 23.77
C ASP E 73 -5.99 5.60 24.57
N PRO E 74 -5.01 4.89 25.17
CA PRO E 74 -5.29 3.74 26.06
C PRO E 74 -6.28 4.11 27.18
N GLU E 75 -6.15 5.34 27.67
CA GLU E 75 -7.07 5.92 28.64
C GLU E 75 -8.53 5.91 28.18
N ILE E 76 -8.81 5.67 26.90
CA ILE E 76 -10.18 5.79 26.36
C ILE E 76 -11.08 4.57 26.55
N ASN E 77 -12.31 4.81 26.99
CA ASN E 77 -13.27 3.73 27.22
C ASN E 77 -13.96 3.13 25.95
N PRO E 78 -13.88 1.78 25.74
CA PRO E 78 -14.46 1.14 24.54
C PRO E 78 -15.96 1.24 24.42
N GLU E 79 -16.66 1.28 25.55
CA GLU E 79 -18.10 1.40 25.48
C GLU E 79 -18.48 2.84 25.13
N GLY E 80 -17.70 3.80 25.61
CA GLY E 80 -17.89 5.21 25.29
C GLY E 80 -17.73 5.46 23.79
N PHE E 81 -16.63 4.95 23.24
CA PHE E 81 -16.40 5.09 21.81
C PHE E 81 -17.42 4.38 20.91
N ASN E 82 -17.87 3.21 21.33
CA ASN E 82 -18.92 2.55 20.60
C ASN E 82 -20.22 3.36 20.53
N ILE E 83 -20.55 4.05 21.62
CA ILE E 83 -21.77 4.86 21.69
C ILE E 83 -21.66 6.11 20.78
N LEU E 84 -20.51 6.76 20.83
CA LEU E 84 -20.19 7.83 19.94
C LEU E 84 -20.11 7.38 18.49
N LEU E 85 -19.50 6.23 18.22
CA LEU E 85 -19.49 5.74 16.86
C LEU E 85 -20.90 5.46 16.33
N ASP E 86 -21.79 4.87 17.13
CA ASP E 86 -23.17 4.63 16.62
C ASP E 86 -23.89 5.93 16.37
N PHE E 87 -23.60 6.91 17.24
CA PHE E 87 -24.23 8.23 17.08
C PHE E 87 -23.86 8.80 15.72
N MET E 88 -22.56 8.74 15.46
CA MET E 88 -21.97 9.42 14.28
C MET E 88 -22.69 8.88 13.03
N TYR E 89 -23.03 7.62 13.07
CA TYR E 89 -23.75 6.94 12.04
C TYR E 89 -25.25 6.98 12.10
N THR E 90 -25.85 7.52 13.15
CA THR E 90 -27.31 7.39 13.29
C THR E 90 -28.05 8.62 13.77
N SER E 91 -27.33 9.58 14.35
CA SER E 91 -27.96 10.74 15.04
C SER E 91 -28.39 10.44 16.48
N ARG E 92 -28.52 9.18 16.84
CA ARG E 92 -28.96 8.82 18.18
C ARG E 92 -27.86 8.56 19.19
N LEU E 93 -27.77 9.44 20.19
CA LEU E 93 -26.91 9.28 21.34
C LEU E 93 -27.67 8.53 22.47
N ASN E 94 -27.27 7.28 22.70
CA ASN E 94 -27.86 6.40 23.73
C ASN E 94 -27.16 6.56 25.08
N LEU E 95 -27.64 7.49 25.92
CA LEU E 95 -27.01 7.78 27.20
C LEU E 95 -27.67 7.04 28.38
N ARG E 96 -26.83 6.34 29.17
CA ARG E 96 -27.27 5.69 30.42
C ARG E 96 -26.64 6.41 31.62
N GLU E 97 -27.18 6.12 32.81
CA GLU E 97 -26.61 6.58 34.09
C GLU E 97 -25.30 5.85 34.35
N GLY E 98 -25.29 4.57 33.94
CA GLY E 98 -24.10 3.69 34.00
C GLY E 98 -22.91 4.06 33.12
N ASN E 99 -23.18 4.54 31.89
CA ASN E 99 -22.09 4.84 30.92
C ASN E 99 -21.66 6.33 30.74
N ILE E 100 -22.63 7.23 30.91
CA ILE E 100 -22.46 8.68 30.70
C ILE E 100 -21.08 9.29 31.06
N MET E 101 -20.46 8.73 32.11
CA MET E 101 -19.15 9.21 32.54
C MET E 101 -18.14 9.22 31.42
N ALA E 102 -18.00 8.06 30.80
CA ALA E 102 -16.98 7.80 29.81
C ALA E 102 -17.40 8.32 28.44
N VAL E 103 -18.70 8.23 28.14
CA VAL E 103 -19.27 8.88 26.97
C VAL E 103 -18.76 10.30 26.83
N MET E 104 -18.90 11.10 27.90
CA MET E 104 -18.46 12.48 27.88
C MET E 104 -16.94 12.62 27.73
N ALA E 105 -16.18 11.75 28.37
CA ALA E 105 -14.71 11.80 28.25
C ALA E 105 -14.29 11.51 26.79
N THR E 106 -15.04 10.61 26.16
CA THR E 106 -14.81 10.27 24.76
C THR E 106 -15.15 11.46 23.84
N ALA E 107 -16.36 12.02 23.96
CA ALA E 107 -16.74 13.16 23.14
C ALA E 107 -15.69 14.24 23.25
N MET E 108 -15.27 14.48 24.48
CA MET E 108 -14.26 15.48 24.75
C MET E 108 -12.98 15.13 23.99
N TYR E 109 -12.56 13.87 24.12
CA TYR E 109 -11.37 13.39 23.44
C TYR E 109 -11.51 13.53 21.90
N LEU E 110 -12.69 13.20 21.41
CA LEU E 110 -13.00 13.21 19.99
C LEU E 110 -13.39 14.62 19.54
N GLN E 111 -13.32 15.58 20.47
CA GLN E 111 -13.44 17.03 20.21
C GLN E 111 -14.81 17.39 19.66
N MET E 112 -15.83 16.72 20.17
CA MET E 112 -17.22 16.93 19.78
C MET E 112 -18.04 17.60 20.90
N GLU E 113 -17.86 18.91 21.11
CA GLU E 113 -18.59 19.61 22.22
C GLU E 113 -20.09 19.54 22.25
N HIS E 114 -20.78 19.62 21.11
CA HIS E 114 -22.24 19.54 21.17
C HIS E 114 -22.68 18.30 21.98
N VAL E 115 -21.84 17.26 21.98
CA VAL E 115 -22.13 16.04 22.71
C VAL E 115 -21.73 16.24 24.17
N VAL E 116 -20.50 16.69 24.40
CA VAL E 116 -20.06 17.12 25.75
C VAL E 116 -21.19 17.89 26.44
N ASP E 117 -21.66 18.95 25.81
CA ASP E 117 -22.73 19.78 26.33
C ASP E 117 -24.06 19.12 26.62
N THR E 118 -24.41 18.07 25.87
CA THR E 118 -25.66 17.37 26.12
C THR E 118 -25.46 16.31 27.21
N CYS E 119 -24.19 16.01 27.50
CA CYS E 119 -23.81 15.19 28.66
C CYS E 119 -23.99 16.00 29.95
N ARG E 120 -23.49 17.24 29.96
CA ARG E 120 -23.72 18.19 31.06
C ARG E 120 -25.22 18.48 31.18
N LYS E 121 -25.82 18.93 30.07
CA LYS E 121 -27.27 19.15 29.98
C LYS E 121 -28.08 17.86 30.26
N PHE E 122 -27.40 16.82 30.73
CA PHE E 122 -28.07 15.56 31.02
C PHE E 122 -28.05 15.27 32.50
N ILE E 123 -26.90 15.54 33.13
CA ILE E 123 -26.80 15.60 34.61
C ILE E 123 -27.49 16.90 35.13
N LYS E 124 -28.63 17.22 34.49
CA LYS E 124 -29.71 18.04 35.05
C LYS E 124 -30.62 17.06 35.76
N ALA E 125 -31.03 16.00 35.05
CA ALA E 125 -31.69 14.85 35.65
C ALA E 125 -30.66 14.08 36.50
N SER E 126 -30.22 14.75 37.56
CA SER E 126 -29.19 14.27 38.48
C SER E 126 -29.66 14.66 39.88
N GLU E 127 -29.16 13.94 40.89
CA GLU E 127 -29.53 14.14 42.32
C GLU E 127 -29.69 15.61 42.79
N ARG F 3 -36.10 5.46 30.69
CA ARG F 3 -35.74 5.53 29.24
C ARG F 3 -36.81 6.25 28.42
N SER F 4 -36.37 7.16 27.56
CA SER F 4 -37.28 7.89 26.66
C SER F 4 -36.53 8.67 25.55
N GLU F 5 -37.07 8.60 24.33
CA GLU F 5 -36.47 9.26 23.14
C GLU F 5 -36.75 10.77 23.05
N ILE F 6 -35.73 11.58 23.33
CA ILE F 6 -35.86 13.04 23.26
C ILE F 6 -35.08 13.67 22.07
N ILE F 7 -35.52 14.85 21.64
CA ILE F 7 -35.02 15.53 20.46
C ILE F 7 -34.10 16.71 20.79
N SER F 8 -32.92 16.76 20.15
CA SER F 8 -32.00 17.91 20.25
C SER F 8 -31.73 18.62 18.92
N THR F 9 -31.75 19.95 18.98
CA THR F 9 -31.67 20.82 17.80
C THR F 9 -30.28 21.37 17.74
N ALA F 10 -29.41 20.83 18.58
CA ALA F 10 -28.04 21.30 18.66
C ALA F 10 -27.26 21.09 17.32
N PRO F 11 -26.67 22.18 16.78
CA PRO F 11 -25.75 22.03 15.65
C PRO F 11 -24.40 21.46 16.11
N SER F 12 -23.70 20.79 15.20
CA SER F 12 -22.37 20.26 15.44
C SER F 12 -21.36 21.40 15.60
N SER F 13 -20.47 21.28 16.58
CA SER F 13 -19.38 22.26 16.75
C SER F 13 -18.29 22.06 15.70
N TRP F 14 -18.29 20.88 15.08
CA TRP F 14 -17.27 20.56 14.09
C TRP F 14 -17.67 20.92 12.66
N VAL F 15 -16.96 21.89 12.07
CA VAL F 15 -17.20 22.28 10.69
C VAL F 15 -15.85 22.25 9.95
N VAL F 16 -15.80 21.50 8.86
CA VAL F 16 -14.56 21.34 8.10
C VAL F 16 -14.27 22.68 7.45
N PRO F 17 -13.07 23.21 7.67
CA PRO F 17 -12.63 24.46 7.07
C PRO F 17 -12.70 24.47 5.52
N GLY F 18 -12.55 25.65 4.91
CA GLY F 18 -12.37 25.76 3.44
C GLY F 18 -11.04 26.39 2.94
N PRO F 19 -10.06 26.67 3.86
CA PRO F 19 -8.97 27.66 3.63
C PRO F 19 -7.95 27.29 2.53
N ALA G 3 -33.83 8.41 34.12
CA ALA G 3 -32.62 7.55 34.26
C ALA G 3 -32.03 7.22 32.89
N ASP G 4 -32.74 6.38 32.15
CA ASP G 4 -32.29 5.91 30.83
C ASP G 4 -32.74 6.89 29.72
N SER G 5 -32.07 6.84 28.56
CA SER G 5 -32.24 7.90 27.57
C SER G 5 -31.81 7.56 26.14
N GLN G 6 -32.26 8.40 25.21
CA GLN G 6 -31.79 8.42 23.84
C GLN G 6 -32.15 9.75 23.17
N ILE G 7 -31.11 10.51 22.84
CA ILE G 7 -31.26 11.83 22.25
C ILE G 7 -31.02 11.79 20.73
N GLN G 8 -31.97 12.28 19.92
CA GLN G 8 -31.74 12.40 18.47
C GLN G 8 -31.43 13.81 18.13
N PHE G 9 -30.25 14.01 17.57
CA PHE G 9 -29.82 15.27 17.01
C PHE G 9 -30.41 15.38 15.59
N THR G 10 -31.29 16.35 15.44
CA THR G 10 -32.02 16.47 14.20
C THR G 10 -31.19 17.18 13.13
N ARG G 11 -30.21 17.97 13.50
CA ARG G 11 -29.43 18.51 12.41
C ARG G 11 -28.13 17.79 12.13
N HIS G 12 -27.98 16.55 12.65
CA HIS G 12 -26.70 15.83 12.57
C HIS G 12 -26.42 15.32 11.16
N ALA G 13 -27.39 14.63 10.57
CA ALA G 13 -27.24 14.11 9.21
C ALA G 13 -26.78 15.21 8.25
N SER G 14 -27.37 16.36 8.50
CA SER G 14 -27.25 17.52 7.70
C SER G 14 -25.83 18.09 7.82
N ASP G 15 -25.32 18.12 9.05
CA ASP G 15 -23.96 18.59 9.33
C ASP G 15 -22.91 17.61 8.82
N VAL G 16 -23.23 16.32 8.87
CA VAL G 16 -22.35 15.30 8.22
C VAL G 16 -22.21 15.55 6.72
N LEU G 17 -23.36 15.66 6.04
CA LEU G 17 -23.40 15.93 4.60
C LEU G 17 -22.67 17.22 4.22
N LEU G 18 -22.93 18.27 4.98
CA LEU G 18 -22.23 19.53 4.81
C LEU G 18 -20.69 19.32 4.88
N ASN G 19 -20.23 18.64 5.92
CA ASN G 19 -18.79 18.34 6.06
C ASN G 19 -18.25 17.37 4.97
N LEU G 20 -19.09 16.41 4.53
CA LEU G 20 -18.63 15.58 3.40
C LEU G 20 -18.39 16.41 2.14
N ASN G 21 -19.27 17.36 1.89
CA ASN G 21 -19.14 18.24 0.73
C ASN G 21 -17.93 19.17 0.85
N ARG G 22 -17.55 19.61 2.03
CA ARG G 22 -16.29 20.38 2.17
C ARG G 22 -15.06 19.55 1.90
N LEU G 23 -15.10 18.29 2.35
CA LEU G 23 -14.02 17.35 2.07
C LEU G 23 -13.84 17.21 0.58
N ARG G 24 -14.97 17.06 -0.11
CA ARG G 24 -14.97 16.88 -1.52
C ARG G 24 -14.40 18.13 -2.15
N SER G 25 -14.84 19.28 -1.68
CA SER G 25 -14.47 20.46 -2.39
C SER G 25 -13.01 20.84 -2.07
N ARG G 26 -12.47 20.32 -1.00
CA ARG G 26 -11.00 20.38 -0.82
C ARG G 26 -10.16 19.17 -1.28
N ASP G 27 -10.82 18.16 -1.90
CA ASP G 27 -10.17 16.97 -2.39
C ASP G 27 -9.52 16.17 -1.22
N ILE G 28 -10.16 16.17 -0.06
CA ILE G 28 -9.65 15.43 1.07
C ILE G 28 -10.30 14.04 1.11
N LEU G 29 -9.44 13.02 1.10
CA LEU G 29 -9.87 11.60 1.05
C LEU G 29 -10.80 11.21 -0.11
N THR G 30 -10.99 12.07 -1.12
CA THR G 30 -11.70 11.61 -2.29
C THR G 30 -10.93 10.37 -2.83
N ASP G 31 -11.63 9.35 -3.34
CA ASP G 31 -10.93 8.09 -3.69
C ASP G 31 -11.24 7.57 -5.11
N VAL G 32 -11.99 8.34 -5.89
CA VAL G 32 -12.27 7.94 -7.24
C VAL G 32 -12.47 9.18 -8.11
N VAL G 33 -12.13 9.06 -9.37
CA VAL G 33 -12.49 10.04 -10.36
C VAL G 33 -13.53 9.39 -11.31
N ILE G 34 -14.65 10.07 -11.54
CA ILE G 34 -15.67 9.60 -12.48
C ILE G 34 -15.47 10.40 -13.78
N VAL G 35 -15.27 9.68 -14.88
CA VAL G 35 -15.03 10.28 -16.15
C VAL G 35 -16.30 10.18 -16.98
N VAL G 36 -16.74 11.32 -17.51
CA VAL G 36 -17.97 11.40 -18.22
C VAL G 36 -17.58 12.21 -19.43
N SER G 37 -17.42 11.48 -20.54
CA SER G 37 -16.90 11.97 -21.78
C SER G 37 -15.54 12.60 -21.53
N ARG G 38 -15.39 13.89 -21.69
CA ARG G 38 -14.07 14.44 -21.45
C ARG G 38 -14.01 15.20 -20.14
N GLU G 39 -15.00 15.00 -19.25
CA GLU G 39 -14.94 15.62 -17.94
C GLU G 39 -14.67 14.63 -16.80
N GLN G 40 -14.22 15.16 -15.67
CA GLN G 40 -13.76 14.35 -14.54
C GLN G 40 -14.28 14.91 -13.24
N PHE G 41 -14.84 14.05 -12.38
CA PHE G 41 -15.40 14.52 -11.11
C PHE G 41 -14.82 13.68 -9.97
N ARG G 42 -14.22 14.31 -8.97
CA ARG G 42 -13.69 13.57 -7.84
C ARG G 42 -14.78 13.35 -6.83
N ALA G 43 -14.76 12.21 -6.16
CA ALA G 43 -15.82 11.90 -5.23
C ALA G 43 -15.35 10.90 -4.17
N HIS G 44 -16.22 10.63 -3.21
CA HIS G 44 -16.03 9.61 -2.23
C HIS G 44 -16.98 8.49 -2.62
N LYS G 45 -16.37 7.32 -2.86
CA LYS G 45 -17.11 6.10 -3.21
C LYS G 45 -18.24 5.83 -2.24
N THR G 46 -18.00 5.93 -0.93
CA THR G 46 -19.09 5.65 -0.02
C THR G 46 -20.30 6.53 -0.23
N VAL G 47 -20.09 7.82 -0.55
CA VAL G 47 -21.19 8.74 -0.79
C VAL G 47 -21.93 8.34 -2.06
N LEU G 48 -21.18 7.95 -3.07
CA LEU G 48 -21.79 7.54 -4.32
C LEU G 48 -22.66 6.33 -4.10
N MET G 49 -22.17 5.39 -3.27
CA MET G 49 -22.87 4.09 -3.03
C MET G 49 -24.04 4.28 -2.12
N ALA G 50 -23.93 5.27 -1.24
CA ALA G 50 -25.04 5.62 -0.40
C ALA G 50 -26.20 6.34 -1.11
N CYS G 51 -26.05 6.76 -2.37
CA CYS G 51 -27.13 7.49 -3.11
C CYS G 51 -27.55 6.86 -4.41
N SER G 52 -26.67 6.08 -5.04
CA SER G 52 -26.96 5.57 -6.37
C SER G 52 -26.88 4.05 -6.35
N GLY G 53 -27.86 3.40 -6.95
CA GLY G 53 -27.83 1.96 -7.06
C GLY G 53 -26.76 1.53 -8.03
N LEU G 54 -26.58 2.26 -9.13
CA LEU G 54 -25.52 1.91 -10.05
C LEU G 54 -24.16 1.89 -9.36
N PHE G 55 -23.89 2.87 -8.50
CA PHE G 55 -22.56 2.95 -7.93
C PHE G 55 -22.36 1.90 -6.87
N TYR G 56 -23.42 1.60 -6.11
CA TYR G 56 -23.45 0.44 -5.22
C TYR G 56 -22.98 -0.83 -5.96
N SER G 57 -23.47 -1.05 -7.16
CA SER G 57 -23.09 -2.25 -7.88
C SER G 57 -21.70 -2.20 -8.39
N ILE G 58 -21.22 -0.99 -8.71
CA ILE G 58 -19.88 -0.91 -9.28
C ILE G 58 -18.90 -1.26 -8.17
N PHE G 59 -19.03 -0.63 -7.02
CA PHE G 59 -17.99 -0.75 -5.99
C PHE G 59 -18.18 -2.01 -5.13
N THR G 60 -19.25 -2.72 -5.46
CA THR G 60 -19.59 -3.95 -4.80
C THR G 60 -19.17 -5.17 -5.69
N ASP G 61 -18.91 -4.95 -6.99
CA ASP G 61 -18.19 -5.92 -7.80
C ASP G 61 -16.73 -5.93 -7.34
N GLN G 62 -16.21 -7.07 -6.90
CA GLN G 62 -14.87 -7.05 -6.29
C GLN G 62 -13.69 -6.85 -7.26
N LEU G 63 -13.94 -6.95 -8.58
CA LEU G 63 -12.96 -6.50 -9.59
C LEU G 63 -12.90 -4.97 -9.73
N LYS G 64 -13.87 -4.26 -9.15
CA LYS G 64 -14.02 -2.82 -9.33
C LYS G 64 -13.94 -2.05 -8.00
N ARG G 65 -14.15 -2.76 -6.90
CA ARG G 65 -14.16 -2.16 -5.60
C ARG G 65 -13.05 -1.11 -5.46
N ASN G 66 -11.89 -1.36 -6.07
CA ASN G 66 -10.66 -0.66 -5.74
C ASN G 66 -10.11 0.03 -6.93
N LEU G 67 -10.94 0.15 -7.96
CA LEU G 67 -10.64 1.08 -9.03
C LEU G 67 -10.66 2.53 -8.49
N SER G 68 -9.72 3.32 -8.97
CA SER G 68 -9.67 4.73 -8.62
C SER G 68 -10.12 5.67 -9.79
N VAL G 69 -10.42 5.09 -10.96
CA VAL G 69 -11.04 5.75 -12.10
C VAL G 69 -12.23 4.89 -12.56
N ILE G 70 -13.40 5.48 -12.81
CA ILE G 70 -14.57 4.79 -13.37
C ILE G 70 -15.04 5.63 -14.55
N ASN G 71 -15.24 5.00 -15.71
CA ASN G 71 -15.77 5.69 -16.89
C ASN G 71 -17.25 5.43 -17.05
N LEU G 72 -18.09 6.44 -17.06
CA LEU G 72 -19.50 6.17 -17.24
C LEU G 72 -19.74 5.87 -18.70
N ASP G 73 -20.85 5.22 -19.00
CA ASP G 73 -21.29 5.09 -20.37
C ASP G 73 -21.16 6.41 -21.17
N PRO G 74 -20.60 6.33 -22.40
CA PRO G 74 -20.37 7.51 -23.25
C PRO G 74 -21.60 8.38 -23.48
N GLU G 75 -22.78 7.78 -23.33
CA GLU G 75 -24.03 8.45 -23.53
C GLU G 75 -24.36 9.39 -22.39
N ILE G 76 -23.62 9.30 -21.30
CA ILE G 76 -23.94 10.10 -20.15
C ILE G 76 -23.38 11.48 -20.33
N ASN G 77 -24.22 12.43 -19.97
CA ASN G 77 -23.96 13.85 -20.16
C ASN G 77 -23.22 14.50 -18.95
N PRO G 78 -22.06 15.15 -19.17
CA PRO G 78 -21.34 15.79 -18.01
C PRO G 78 -22.17 16.79 -17.10
N GLU G 79 -22.99 17.64 -17.73
CA GLU G 79 -23.79 18.58 -16.96
C GLU G 79 -24.81 17.85 -16.08
N GLY G 80 -25.53 16.90 -16.68
CA GLY G 80 -26.50 16.06 -15.94
C GLY G 80 -25.79 15.34 -14.81
N PHE G 81 -24.63 14.78 -15.08
CA PHE G 81 -23.89 14.13 -14.01
C PHE G 81 -23.49 15.08 -12.87
N ASN G 82 -22.97 16.23 -13.24
CA ASN G 82 -22.57 17.28 -12.28
C ASN G 82 -23.70 17.68 -11.36
N ILE G 83 -24.88 17.85 -11.93
CA ILE G 83 -26.04 18.29 -11.18
C ILE G 83 -26.45 17.18 -10.20
N LEU G 84 -26.31 15.90 -10.60
CA LEU G 84 -26.65 14.83 -9.67
C LEU G 84 -25.62 14.65 -8.56
N LEU G 85 -24.33 14.82 -8.90
CA LEU G 85 -23.27 14.72 -7.91
C LEU G 85 -23.41 15.82 -6.81
N ASP G 86 -23.62 17.08 -7.24
CA ASP G 86 -23.99 18.15 -6.30
C ASP G 86 -25.20 17.84 -5.46
N PHE G 87 -26.21 17.31 -6.11
CA PHE G 87 -27.35 16.89 -5.34
C PHE G 87 -26.98 15.85 -4.25
N MET G 88 -26.16 14.84 -4.60
CA MET G 88 -25.76 13.81 -3.61
C MET G 88 -25.13 14.45 -2.40
N TYR G 89 -24.34 15.49 -2.63
CA TYR G 89 -23.58 16.08 -1.56
C TYR G 89 -24.22 17.25 -0.90
N THR G 90 -25.38 17.67 -1.39
CA THR G 90 -26.03 18.87 -0.78
C THR G 90 -27.51 18.70 -0.48
N SER G 91 -28.20 17.78 -1.18
CA SER G 91 -29.70 17.71 -1.14
C SER G 91 -30.41 18.60 -2.13
N ARG G 92 -29.68 19.46 -2.82
CA ARG G 92 -30.29 20.44 -3.70
C ARG G 92 -30.20 20.04 -5.15
N LEU G 93 -31.36 19.94 -5.80
CA LEU G 93 -31.41 19.57 -7.20
C LEU G 93 -31.70 20.80 -8.04
N ASN G 94 -30.69 21.23 -8.78
CA ASN G 94 -30.78 22.46 -9.53
C ASN G 94 -31.11 22.18 -10.94
N LEU G 95 -32.32 22.53 -11.31
CA LEU G 95 -32.89 22.16 -12.61
C LEU G 95 -33.17 23.41 -13.45
N ARG G 96 -33.04 23.28 -14.76
CA ARG G 96 -33.48 24.31 -15.67
C ARG G 96 -34.21 23.66 -16.82
N GLU G 97 -35.07 24.43 -17.48
CA GLU G 97 -35.72 23.91 -18.70
C GLU G 97 -34.76 23.34 -19.74
N GLY G 98 -33.55 23.84 -19.83
CA GLY G 98 -32.63 23.36 -20.88
C GLY G 98 -31.69 22.23 -20.49
N ASN G 99 -31.93 21.64 -19.31
CA ASN G 99 -31.18 20.46 -18.82
C ASN G 99 -32.03 19.40 -18.05
N ILE G 100 -33.31 19.68 -17.80
CA ILE G 100 -34.14 18.83 -16.97
C ILE G 100 -34.23 17.41 -17.52
N MET G 101 -34.29 17.25 -18.85
CA MET G 101 -34.40 15.89 -19.41
C MET G 101 -33.07 15.12 -19.33
N ALA G 102 -31.95 15.80 -19.53
CA ALA G 102 -30.63 15.19 -19.32
C ALA G 102 -30.44 14.78 -17.86
N VAL G 103 -30.91 15.62 -16.94
CA VAL G 103 -30.85 15.29 -15.54
C VAL G 103 -31.65 14.01 -15.24
N MET G 104 -32.81 13.88 -15.86
CA MET G 104 -33.69 12.75 -15.69
C MET G 104 -33.08 11.44 -16.27
N ALA G 105 -32.53 11.50 -17.48
CA ALA G 105 -31.79 10.41 -18.08
C ALA G 105 -30.66 9.91 -17.21
N THR G 106 -29.96 10.82 -16.57
CA THR G 106 -28.79 10.51 -15.78
C THR G 106 -29.23 9.84 -14.51
N ALA G 107 -30.31 10.36 -13.92
CA ALA G 107 -30.85 9.80 -12.71
C ALA G 107 -31.38 8.35 -12.96
N MET G 108 -31.96 8.10 -14.14
CA MET G 108 -32.38 6.75 -14.48
C MET G 108 -31.15 5.86 -14.48
N TYR G 109 -30.12 6.27 -15.20
CA TYR G 109 -28.90 5.49 -15.28
C TYR G 109 -28.27 5.26 -13.91
N LEU G 110 -28.30 6.25 -13.03
CA LEU G 110 -27.65 6.08 -11.76
C LEU G 110 -28.57 5.44 -10.74
N GLN G 111 -29.76 5.02 -11.21
CA GLN G 111 -30.74 4.31 -10.40
C GLN G 111 -31.05 5.10 -9.16
N MET G 112 -31.45 6.35 -9.39
CA MET G 112 -31.99 7.25 -8.35
C MET G 112 -33.44 7.66 -8.71
N GLU G 113 -34.35 6.70 -8.57
CA GLU G 113 -35.68 6.83 -9.14
C GLU G 113 -36.56 7.93 -8.52
N HIS G 114 -36.36 8.27 -7.25
CA HIS G 114 -37.15 9.37 -6.68
C HIS G 114 -36.81 10.76 -7.30
N VAL G 115 -35.55 10.93 -7.71
CA VAL G 115 -35.14 12.09 -8.49
C VAL G 115 -35.81 12.08 -9.87
N VAL G 116 -35.84 10.93 -10.53
CA VAL G 116 -36.58 10.80 -11.77
C VAL G 116 -38.07 11.20 -11.63
N ASP G 117 -38.75 10.73 -10.59
CA ASP G 117 -40.15 11.08 -10.39
C ASP G 117 -40.34 12.55 -10.14
N THR G 118 -39.42 13.12 -9.37
CA THR G 118 -39.40 14.56 -9.12
C THR G 118 -39.21 15.34 -10.43
N CYS G 119 -38.31 14.89 -11.30
CA CYS G 119 -38.19 15.48 -12.62
C CYS G 119 -39.49 15.39 -13.39
N ARG G 120 -39.95 14.17 -13.73
CA ARG G 120 -41.31 13.99 -14.32
C ARG G 120 -42.40 14.89 -13.72
N LYS G 121 -42.58 14.84 -12.41
CA LYS G 121 -43.57 15.63 -11.64
C LYS G 121 -43.36 17.15 -11.73
N PHE G 122 -42.13 17.57 -11.98
CA PHE G 122 -41.75 18.97 -12.21
C PHE G 122 -41.90 19.33 -13.67
N ILE G 123 -42.64 18.43 -14.35
CA ILE G 123 -43.15 18.82 -15.68
C ILE G 123 -44.59 19.14 -15.67
N LYS G 124 -44.96 19.82 -14.57
CA LYS G 124 -46.32 20.46 -14.49
C LYS G 124 -46.20 21.71 -15.41
N ALA G 125 -45.96 22.89 -14.83
CA ALA G 125 -45.73 24.12 -15.61
C ALA G 125 -44.70 23.80 -16.71
N SER G 126 -45.21 23.71 -17.95
CA SER G 126 -44.48 23.17 -19.12
C SER G 126 -45.44 22.32 -19.96
N SER H 4 -38.06 29.80 -7.73
CA SER H 4 -38.01 29.73 -6.23
C SER H 4 -37.44 28.36 -5.77
N GLU H 5 -37.22 28.20 -4.46
CA GLU H 5 -36.73 26.93 -3.90
C GLU H 5 -37.88 26.08 -3.35
N ILE H 6 -38.44 25.22 -4.19
CA ILE H 6 -39.46 24.30 -3.72
C ILE H 6 -38.83 23.19 -2.84
N ILE H 7 -39.62 22.63 -1.93
CA ILE H 7 -39.19 21.54 -1.06
C ILE H 7 -39.73 20.18 -1.53
N SER H 8 -38.94 19.13 -1.42
CA SER H 8 -39.46 17.80 -1.63
C SER H 8 -39.26 16.94 -0.39
N THR H 9 -40.16 15.96 -0.27
CA THR H 9 -40.42 15.25 0.96
C THR H 9 -40.28 13.76 0.66
N ALA H 10 -40.14 13.50 -0.64
CA ALA H 10 -39.80 12.19 -1.18
C ALA H 10 -38.64 11.55 -0.41
N PRO H 11 -38.81 10.28 -0.03
CA PRO H 11 -37.69 9.53 0.56
C PRO H 11 -36.88 8.98 -0.59
N SER H 12 -35.61 8.69 -0.36
CA SER H 12 -34.81 8.12 -1.43
C SER H 12 -35.40 6.78 -1.83
N SER H 13 -35.38 6.48 -3.13
CA SER H 13 -35.80 5.19 -3.61
C SER H 13 -34.65 4.18 -3.52
N TRP H 14 -33.48 4.67 -3.14
CA TRP H 14 -32.33 3.79 -3.04
C TRP H 14 -32.00 3.42 -1.59
N VAL H 15 -31.93 2.11 -1.40
CA VAL H 15 -31.80 1.54 -0.09
C VAL H 15 -30.71 0.52 -0.24
N VAL H 16 -29.63 0.70 0.49
CA VAL H 16 -28.54 -0.26 0.46
C VAL H 16 -29.12 -1.57 0.98
N PRO H 17 -29.06 -2.64 0.16
CA PRO H 17 -29.49 -4.00 0.49
C PRO H 17 -28.97 -4.49 1.84
N GLY H 18 -29.85 -5.14 2.62
CA GLY H 18 -29.47 -5.73 3.91
C GLY H 18 -28.79 -7.11 4.01
N PRO H 19 -28.75 -7.95 2.89
CA PRO H 19 -28.38 -9.39 2.95
C PRO H 19 -27.46 -9.84 4.09
N ASP I 4 29.21 36.01 26.07
CA ASP I 4 27.81 36.35 26.48
C ASP I 4 27.08 37.19 25.39
N SER I 5 26.17 36.53 24.67
CA SER I 5 25.55 37.11 23.45
C SER I 5 24.07 36.77 23.27
N GLN I 6 23.38 37.57 22.44
CA GLN I 6 21.94 37.39 22.30
C GLN I 6 21.35 37.69 20.91
N ILE I 7 20.74 36.66 20.33
CA ILE I 7 20.27 36.77 18.96
C ILE I 7 18.75 36.79 18.89
N GLN I 8 18.26 37.66 18.04
CA GLN I 8 16.87 38.01 18.04
C GLN I 8 16.33 37.76 16.66
N PHE I 9 15.39 36.84 16.58
CA PHE I 9 14.85 36.39 15.32
C PHE I 9 13.61 37.19 14.98
N THR I 10 13.72 38.01 13.94
CA THR I 10 12.67 38.93 13.65
C THR I 10 11.45 38.28 12.98
N ARG I 11 11.58 37.09 12.39
CA ARG I 11 10.38 36.47 11.76
C ARG I 11 9.71 35.41 12.63
N HIS I 12 10.24 35.25 13.83
CA HIS I 12 9.85 34.18 14.67
C HIS I 12 8.41 34.22 15.14
N ALA I 13 7.95 35.42 15.52
CA ALA I 13 6.61 35.59 16.09
C ALA I 13 5.59 35.34 14.99
N SER I 14 5.91 35.88 13.83
CA SER I 14 5.12 35.70 12.66
C SER I 14 5.01 34.16 12.27
N ASP I 15 6.17 33.47 12.30
CA ASP I 15 6.28 32.03 12.06
C ASP I 15 5.44 31.23 13.05
N VAL I 16 5.51 31.59 14.33
CA VAL I 16 4.71 30.95 15.39
C VAL I 16 3.22 31.12 15.14
N LEU I 17 2.84 32.32 14.69
CA LEU I 17 1.42 32.67 14.50
C LEU I 17 0.86 31.92 13.32
N LEU I 18 1.60 31.94 12.21
CA LEU I 18 1.28 31.06 11.08
C LEU I 18 1.06 29.56 11.41
N ASN I 19 1.96 28.96 12.20
CA ASN I 19 1.78 27.58 12.60
C ASN I 19 0.62 27.41 13.57
N LEU I 20 0.37 28.45 14.38
CA LEU I 20 -0.83 28.40 15.26
C LEU I 20 -2.05 28.41 14.38
N ASN I 21 -2.00 29.18 13.31
CA ASN I 21 -3.12 29.15 12.39
C ASN I 21 -3.23 27.80 11.63
N ARG I 22 -2.09 27.27 11.13
CA ARG I 22 -2.10 25.89 10.59
C ARG I 22 -2.67 24.88 11.55
N LEU I 23 -2.34 24.99 12.84
CA LEU I 23 -2.89 24.06 13.80
C LEU I 23 -4.39 24.15 13.88
N ARG I 24 -4.90 25.39 13.87
CA ARG I 24 -6.32 25.63 14.04
C ARG I 24 -7.10 25.03 12.85
N SER I 25 -6.51 25.11 11.68
CA SER I 25 -7.26 24.73 10.53
C SER I 25 -7.31 23.22 10.37
N ARG I 26 -6.43 22.52 11.09
CA ARG I 26 -6.48 21.06 11.18
C ARG I 26 -7.09 20.59 12.49
N ASP I 27 -7.47 21.56 13.32
CA ASP I 27 -8.22 21.35 14.60
C ASP I 27 -7.38 20.64 15.67
N ILE I 28 -6.07 20.88 15.58
CA ILE I 28 -5.12 20.39 16.54
C ILE I 28 -5.14 21.28 17.79
N LEU I 29 -5.51 20.66 18.91
CA LEU I 29 -5.33 21.11 20.28
C LEU I 29 -6.17 22.37 20.55
N THR I 30 -7.15 22.58 19.65
CA THR I 30 -8.23 23.54 19.94
C THR I 30 -8.99 23.04 21.18
N ASP I 31 -9.29 23.92 22.12
CA ASP I 31 -9.88 23.55 23.38
C ASP I 31 -11.19 24.31 23.66
N VAL I 32 -11.65 25.12 22.73
CA VAL I 32 -12.93 25.83 22.93
C VAL I 32 -13.76 26.03 21.67
N VAL I 33 -15.09 25.95 21.82
CA VAL I 33 -16.02 26.49 20.80
C VAL I 33 -16.63 27.85 21.18
N ILE I 34 -16.50 28.83 20.30
CA ILE I 34 -17.17 30.11 20.52
C ILE I 34 -18.46 30.13 19.69
N VAL I 35 -19.58 30.24 20.41
CA VAL I 35 -20.90 30.29 19.78
C VAL I 35 -21.42 31.72 19.68
N VAL I 36 -21.62 32.13 18.42
CA VAL I 36 -22.01 33.48 18.01
C VAL I 36 -23.25 33.35 17.12
N SER I 37 -24.40 33.72 17.68
CA SER I 37 -25.74 33.38 17.15
C SER I 37 -25.89 31.88 17.06
N ARG I 38 -26.01 31.35 15.85
CA ARG I 38 -26.11 29.89 15.76
C ARG I 38 -24.84 29.34 15.14
N GLU I 39 -23.86 30.22 14.92
CA GLU I 39 -22.59 29.83 14.32
C GLU I 39 -21.51 29.43 15.31
N GLN I 40 -20.69 28.50 14.87
CA GLN I 40 -19.70 27.91 15.74
C GLN I 40 -18.27 28.06 15.27
N PHE I 41 -17.42 28.55 16.19
CA PHE I 41 -15.97 28.73 15.94
C PHE I 41 -15.10 27.98 16.95
N ARG I 42 -14.20 27.14 16.45
CA ARG I 42 -13.23 26.41 17.29
C ARG I 42 -11.94 27.19 17.31
N ALA I 43 -11.33 27.24 18.49
CA ALA I 43 -10.09 28.02 18.61
C ALA I 43 -9.27 27.55 19.81
N HIS I 44 -8.11 28.14 19.99
CA HIS I 44 -7.31 27.95 21.20
C HIS I 44 -7.52 29.04 22.24
N LYS I 45 -7.95 28.68 23.45
CA LYS I 45 -8.11 29.69 24.49
C LYS I 45 -6.88 30.57 24.64
N THR I 46 -5.68 29.99 24.62
CA THR I 46 -4.48 30.81 24.78
C THR I 46 -4.36 31.90 23.70
N VAL I 47 -4.78 31.61 22.47
CA VAL I 47 -4.66 32.64 21.44
C VAL I 47 -5.70 33.76 21.67
N LEU I 48 -6.92 33.36 22.04
CA LEU I 48 -7.98 34.30 22.28
C LEU I 48 -7.58 35.22 23.44
N MET I 49 -7.17 34.62 24.55
CA MET I 49 -6.70 35.36 25.71
C MET I 49 -5.52 36.27 25.42
N ALA I 50 -4.81 36.00 24.34
CA ALA I 50 -3.62 36.77 24.10
C ALA I 50 -3.94 37.96 23.22
N CYS I 51 -5.11 37.95 22.60
CA CYS I 51 -5.54 39.06 21.76
C CYS I 51 -6.62 39.95 22.39
N SER I 52 -7.46 39.39 23.26
CA SER I 52 -8.63 40.06 23.73
C SER I 52 -8.74 40.06 25.24
N GLY I 53 -9.08 41.23 25.77
CA GLY I 53 -9.22 41.41 27.21
C GLY I 53 -10.44 40.69 27.70
N LEU I 54 -11.44 40.61 26.84
CA LEU I 54 -12.69 39.90 27.18
C LEU I 54 -12.45 38.41 27.35
N PHE I 55 -11.77 37.80 26.38
CA PHE I 55 -11.41 36.38 26.51
C PHE I 55 -10.48 36.12 27.69
N TYR I 56 -9.55 37.03 27.94
CA TYR I 56 -8.76 36.85 29.15
C TYR I 56 -9.67 36.68 30.37
N SER I 57 -10.59 37.61 30.58
CA SER I 57 -11.45 37.59 31.78
C SER I 57 -12.34 36.35 31.84
N ILE I 58 -12.83 35.92 30.68
CA ILE I 58 -13.65 34.74 30.61
C ILE I 58 -12.86 33.48 31.04
N PHE I 59 -11.66 33.30 30.48
CA PHE I 59 -10.92 32.05 30.74
C PHE I 59 -10.26 32.06 32.11
N THR I 60 -10.10 33.26 32.66
CA THR I 60 -9.51 33.50 33.98
C THR I 60 -10.51 33.38 35.15
N ASP I 61 -11.81 33.39 34.84
CA ASP I 61 -12.84 33.44 35.88
C ASP I 61 -13.13 32.06 36.47
N GLN I 62 -13.02 31.94 37.79
CA GLN I 62 -13.07 30.61 38.43
C GLN I 62 -14.39 29.86 38.18
N LEU I 63 -15.41 30.63 37.81
CA LEU I 63 -16.71 30.11 37.38
C LEU I 63 -16.72 29.61 35.93
N LYS I 64 -15.95 30.26 35.06
CA LYS I 64 -16.01 30.02 33.61
C LYS I 64 -14.76 29.36 32.94
N ARG I 65 -13.76 29.01 33.77
CA ARG I 65 -12.46 28.50 33.30
C ARG I 65 -12.50 27.15 32.55
N ASN I 66 -13.25 26.19 33.12
CA ASN I 66 -13.36 24.81 32.59
C ASN I 66 -14.48 24.61 31.55
N LEU I 67 -15.08 25.71 31.14
CA LEU I 67 -16.04 25.65 30.04
C LEU I 67 -15.37 25.45 28.70
N SER I 68 -16.01 24.66 27.86
CA SER I 68 -15.54 24.42 26.51
C SER I 68 -16.48 24.98 25.45
N VAL I 69 -17.62 25.50 25.90
CA VAL I 69 -18.51 26.23 25.00
C VAL I 69 -18.68 27.62 25.59
N ILE I 70 -18.46 28.62 24.75
CA ILE I 70 -18.71 29.99 25.16
C ILE I 70 -19.75 30.66 24.28
N ASN I 71 -20.86 31.06 24.90
CA ASN I 71 -21.86 31.83 24.16
C ASN I 71 -21.65 33.33 24.19
N LEU I 72 -21.37 33.90 23.03
CA LEU I 72 -21.19 35.35 22.97
C LEU I 72 -22.58 36.03 23.04
N ASP I 73 -22.64 37.19 23.69
CA ASP I 73 -23.80 38.09 23.56
C ASP I 73 -24.42 37.97 22.15
N PRO I 74 -25.73 37.69 22.10
CA PRO I 74 -26.52 37.52 20.87
C PRO I 74 -26.61 38.73 19.93
N GLU I 75 -26.29 39.91 20.44
CA GLU I 75 -26.16 41.10 19.57
C GLU I 75 -25.03 40.94 18.58
N ILE I 76 -24.02 40.14 18.94
CA ILE I 76 -22.82 40.02 18.11
C ILE I 76 -23.11 39.31 16.78
N ASN I 77 -22.50 39.85 15.73
CA ASN I 77 -22.69 39.37 14.39
C ASN I 77 -21.58 38.38 14.01
N PRO I 78 -21.97 37.14 13.63
CA PRO I 78 -21.00 36.09 13.26
C PRO I 78 -19.97 36.46 12.19
N GLU I 79 -20.31 37.25 11.19
CA GLU I 79 -19.28 37.60 10.21
C GLU I 79 -18.30 38.60 10.80
N GLY I 80 -18.75 39.37 11.76
CA GLY I 80 -17.81 40.23 12.47
C GLY I 80 -16.86 39.41 13.32
N PHE I 81 -17.40 38.45 14.08
CA PHE I 81 -16.54 37.58 14.85
C PHE I 81 -15.53 36.80 14.00
N ASN I 82 -15.99 36.26 12.88
CA ASN I 82 -15.12 35.55 11.97
C ASN I 82 -13.97 36.37 11.46
N ILE I 83 -14.26 37.60 11.07
CA ILE I 83 -13.23 38.56 10.66
C ILE I 83 -12.21 38.76 11.77
N LEU I 84 -12.68 38.87 13.01
CA LEU I 84 -11.76 39.04 14.14
C LEU I 84 -10.99 37.76 14.52
N LEU I 85 -11.63 36.60 14.33
CA LEU I 85 -10.94 35.36 14.60
C LEU I 85 -9.71 35.22 13.68
N ASP I 86 -9.95 35.42 12.39
CA ASP I 86 -8.91 35.31 11.40
C ASP I 86 -7.84 36.36 11.60
N PHE I 87 -8.23 37.53 12.13
CA PHE I 87 -7.24 38.57 12.36
C PHE I 87 -6.35 38.15 13.53
N MET I 88 -6.94 37.60 14.58
CA MET I 88 -6.17 37.09 15.71
C MET I 88 -5.05 36.09 15.26
N TYR I 89 -5.39 35.19 14.32
CA TYR I 89 -4.50 34.15 13.86
C TYR I 89 -3.69 34.48 12.62
N THR I 90 -3.79 35.70 12.08
CA THR I 90 -3.01 36.02 10.86
C THR I 90 -2.39 37.41 10.77
N SER I 91 -2.81 38.36 11.63
CA SER I 91 -2.39 39.79 11.55
C SER I 91 -3.16 40.61 10.50
N ARG I 92 -4.17 40.02 9.88
CA ARG I 92 -4.79 40.64 8.75
C ARG I 92 -6.26 40.91 9.03
N LEU I 93 -6.62 42.18 8.94
CA LEU I 93 -7.99 42.60 9.20
C LEU I 93 -8.57 42.91 7.85
N ASN I 94 -9.61 42.20 7.49
CA ASN I 94 -10.16 42.31 6.15
C ASN I 94 -11.45 43.11 6.15
N LEU I 95 -11.38 44.35 5.70
CA LEU I 95 -12.54 45.23 5.86
C LEU I 95 -13.34 45.46 4.59
N ARG I 96 -14.65 45.60 4.75
CA ARG I 96 -15.55 46.08 3.69
C ARG I 96 -16.50 47.14 4.26
N GLU I 97 -17.07 47.96 3.37
CA GLU I 97 -18.15 48.87 3.77
C GLU I 97 -19.36 48.06 4.27
N GLY I 98 -19.63 46.93 3.63
CA GLY I 98 -20.70 46.04 4.07
C GLY I 98 -20.50 45.44 5.45
N ASN I 99 -19.26 45.33 5.93
CA ASN I 99 -19.05 44.73 7.27
C ASN I 99 -18.31 45.57 8.31
N ILE I 100 -17.83 46.74 7.92
CA ILE I 100 -16.98 47.51 8.82
C ILE I 100 -17.65 47.73 10.19
N MET I 101 -18.95 48.01 10.15
CA MET I 101 -19.70 48.24 11.38
C MET I 101 -19.85 47.01 12.26
N ALA I 102 -20.10 45.85 11.64
CA ALA I 102 -20.13 44.56 12.39
C ALA I 102 -18.75 44.32 13.01
N VAL I 103 -17.72 44.55 12.21
CA VAL I 103 -16.35 44.35 12.64
C VAL I 103 -16.08 45.31 13.79
N MET I 104 -16.38 46.60 13.64
CA MET I 104 -16.15 47.57 14.72
C MET I 104 -16.92 47.24 16.01
N ALA I 105 -18.17 46.84 15.85
CA ALA I 105 -18.91 46.39 17.01
C ALA I 105 -18.15 45.26 17.73
N THR I 106 -17.79 44.23 16.97
CA THR I 106 -17.11 43.06 17.54
C THR I 106 -15.80 43.43 18.25
N ALA I 107 -14.99 44.23 17.58
CA ALA I 107 -13.72 44.66 18.14
C ALA I 107 -13.93 45.33 19.49
N MET I 108 -15.05 46.07 19.63
CA MET I 108 -15.36 46.79 20.86
C MET I 108 -15.81 45.82 21.93
N TYR I 109 -16.70 44.92 21.59
CA TYR I 109 -17.11 43.85 22.51
C TYR I 109 -15.93 43.00 23.03
N LEU I 110 -14.95 42.73 22.18
CA LEU I 110 -13.83 41.91 22.59
C LEU I 110 -12.78 42.74 23.33
N GLN I 111 -12.99 44.05 23.31
CA GLN I 111 -12.12 45.01 23.95
C GLN I 111 -10.80 45.14 23.21
N MET I 112 -10.86 45.02 21.89
CA MET I 112 -9.68 45.20 21.08
C MET I 112 -9.70 46.61 20.51
N GLU I 113 -9.15 47.54 21.29
CA GLU I 113 -9.24 48.98 21.03
C GLU I 113 -8.45 49.47 19.83
N HIS I 114 -7.25 48.95 19.67
CA HIS I 114 -6.37 49.37 18.56
C HIS I 114 -7.04 49.03 17.24
N VAL I 115 -7.91 48.02 17.27
CA VAL I 115 -8.66 47.58 16.08
C VAL I 115 -9.86 48.51 15.82
N VAL I 116 -10.56 48.86 16.91
CA VAL I 116 -11.57 49.90 16.87
C VAL I 116 -10.98 51.18 16.27
N ASP I 117 -9.86 51.66 16.81
CA ASP I 117 -9.19 52.81 16.19
C ASP I 117 -9.02 52.65 14.68
N THR I 118 -8.47 51.52 14.25
CA THR I 118 -8.20 51.36 12.83
C THR I 118 -9.47 51.27 12.03
N CYS I 119 -10.56 50.83 12.65
CA CYS I 119 -11.89 50.81 12.02
C CYS I 119 -12.44 52.23 11.80
N ARG I 120 -12.59 52.95 12.92
CA ARG I 120 -12.79 54.40 12.93
C ARG I 120 -11.91 55.12 11.88
N LYS I 121 -10.58 55.02 12.01
CA LYS I 121 -9.65 55.69 11.08
C LYS I 121 -9.74 55.20 9.64
N PHE I 122 -10.73 54.36 9.37
CA PHE I 122 -10.91 53.77 8.04
C PHE I 122 -12.14 54.39 7.42
N ILE I 123 -13.13 54.69 8.27
CA ILE I 123 -14.30 55.45 7.86
C ILE I 123 -13.93 56.95 7.66
N LYS I 124 -12.65 57.19 7.34
CA LYS I 124 -12.15 58.52 7.02
C LYS I 124 -12.08 58.69 5.50
N ALA I 125 -11.75 57.61 4.77
CA ALA I 125 -12.11 57.54 3.36
C ALA I 125 -13.65 57.45 3.36
N SER I 126 -14.29 58.63 3.41
CA SER I 126 -15.68 58.76 3.89
C SER I 126 -16.70 59.09 2.78
N ARG J 3 -9.85 47.77 -3.69
CA ARG J 3 -9.06 46.99 -2.68
C ARG J 3 -7.55 47.12 -2.83
N SER J 4 -6.90 47.43 -1.72
CA SER J 4 -5.44 47.41 -1.63
C SER J 4 -5.04 46.61 -0.40
N GLU J 5 -3.80 46.79 0.05
CA GLU J 5 -3.38 46.38 1.39
C GLU J 5 -2.59 47.49 2.08
N ILE J 6 -3.21 48.08 3.10
CA ILE J 6 -2.50 49.02 3.93
C ILE J 6 -1.92 48.31 5.16
N ILE J 7 -0.90 48.93 5.74
CA ILE J 7 -0.14 48.42 6.86
C ILE J 7 -0.44 49.29 8.06
N SER J 8 -0.38 48.70 9.26
CA SER J 8 -0.53 49.47 10.50
C SER J 8 0.45 49.10 11.59
N THR J 9 0.98 50.11 12.27
CA THR J 9 1.98 49.95 13.29
C THR J 9 1.36 49.95 14.70
N ALA J 10 0.04 49.94 14.74
CA ALA J 10 -0.67 50.05 16.00
C ALA J 10 -0.24 48.92 16.92
N PRO J 11 0.26 49.24 18.12
CA PRO J 11 0.41 48.15 19.08
C PRO J 11 -0.95 47.69 19.60
N SER J 12 -1.01 46.46 20.08
CA SER J 12 -2.24 45.93 20.66
C SER J 12 -2.58 46.73 21.93
N SER J 13 -3.87 46.98 22.15
CA SER J 13 -4.33 47.68 23.36
C SER J 13 -4.24 46.74 24.56
N TRP J 14 -4.39 45.44 24.29
CA TRP J 14 -4.47 44.43 25.34
C TRP J 14 -3.08 43.97 25.76
N VAL J 15 -2.87 43.85 27.06
CA VAL J 15 -1.62 43.40 27.59
C VAL J 15 -1.99 42.51 28.75
N VAL J 16 -1.58 41.26 28.70
CA VAL J 16 -1.97 40.35 29.76
C VAL J 16 -1.43 40.88 31.10
N PRO J 17 -2.31 41.02 32.11
CA PRO J 17 -1.98 41.35 33.48
C PRO J 17 -0.72 40.62 34.01
N GLY J 18 0.12 41.36 34.74
CA GLY J 18 1.20 40.78 35.52
C GLY J 18 0.92 40.46 37.01
N PRO J 19 -0.19 41.02 37.61
CA PRO J 19 -0.31 41.26 39.07
C PRO J 19 -0.04 40.06 39.99
N ALA K 3 -12.25 51.05 -1.83
CA ALA K 3 -12.52 51.29 -0.38
C ALA K 3 -12.86 49.99 0.38
N ASP K 4 -12.97 48.89 -0.36
CA ASP K 4 -12.80 47.52 0.19
C ASP K 4 -11.30 47.35 0.51
N SER K 5 -10.97 46.73 1.65
CA SER K 5 -9.58 46.76 2.10
C SER K 5 -9.07 45.56 2.91
N GLN K 6 -7.86 45.73 3.45
CA GLN K 6 -7.06 44.66 3.99
C GLN K 6 -5.87 45.25 4.74
N ILE K 7 -5.99 45.34 6.05
CA ILE K 7 -4.96 45.97 6.87
C ILE K 7 -4.09 44.92 7.59
N GLN K 8 -2.77 44.99 7.42
CA GLN K 8 -1.86 44.10 8.14
C GLN K 8 -1.28 44.76 9.36
N PHE K 9 -1.55 44.22 10.52
CA PHE K 9 -0.93 44.77 11.73
C PHE K 9 0.45 44.16 11.95
N THR K 10 1.46 44.91 11.54
CA THR K 10 2.83 44.46 11.63
C THR K 10 3.41 44.19 13.05
N ARG K 11 2.70 44.54 14.13
CA ARG K 11 3.18 44.08 15.44
C ARG K 11 2.23 43.13 16.13
N HIS K 12 1.23 42.70 15.41
CA HIS K 12 0.27 41.82 16.00
C HIS K 12 0.93 40.53 16.48
N ALA K 13 1.66 39.86 15.59
CA ALA K 13 2.36 38.58 15.89
C ALA K 13 3.19 38.68 17.17
N SER K 14 3.98 39.74 17.20
CA SER K 14 4.91 40.01 18.27
C SER K 14 4.22 40.31 19.63
N ASP K 15 3.01 40.90 19.55
CA ASP K 15 2.16 41.18 20.70
C ASP K 15 1.45 39.93 21.20
N VAL K 16 1.07 39.05 20.28
CA VAL K 16 0.53 37.75 20.73
C VAL K 16 1.61 36.91 21.47
N LEU K 17 2.81 36.81 20.89
CA LEU K 17 3.90 36.12 21.60
C LEU K 17 4.19 36.67 22.99
N LEU K 18 4.29 38.01 23.06
CA LEU K 18 4.49 38.70 24.36
C LEU K 18 3.43 38.29 25.41
N ASN K 19 2.15 38.23 25.00
CA ASN K 19 1.09 37.81 25.91
C ASN K 19 1.06 36.33 26.20
N LEU K 20 1.46 35.53 25.19
CA LEU K 20 1.61 34.08 25.45
C LEU K 20 2.68 33.86 26.56
N ASN K 21 3.76 34.63 26.44
CA ASN K 21 4.82 34.58 27.44
C ASN K 21 4.39 35.08 28.83
N ARG K 22 3.52 36.11 28.84
CA ARG K 22 2.89 36.55 30.10
C ARG K 22 2.09 35.43 30.68
N LEU K 23 1.35 34.75 29.82
CA LEU K 23 0.55 33.65 30.31
C LEU K 23 1.47 32.65 30.96
N ARG K 24 2.63 32.43 30.31
CA ARG K 24 3.59 31.45 30.77
C ARG K 24 4.14 31.86 32.12
N SER K 25 4.59 33.11 32.27
CA SER K 25 5.09 33.62 33.58
C SER K 25 4.16 33.31 34.75
N ARG K 26 2.84 33.29 34.50
CA ARG K 26 1.89 33.20 35.57
C ARG K 26 1.18 31.85 35.57
N ASP K 27 1.78 30.92 34.84
CA ASP K 27 1.24 29.57 34.63
C ASP K 27 -0.24 29.47 34.24
N ILE K 28 -0.68 30.36 33.34
CA ILE K 28 -2.07 30.28 32.92
C ILE K 28 -2.22 29.41 31.69
N LEU K 29 -2.95 28.33 31.88
CA LEU K 29 -3.38 27.42 30.80
C LEU K 29 -2.30 26.53 30.19
N THR K 30 -1.09 26.61 30.73
CA THR K 30 -0.06 25.65 30.48
C THR K 30 -0.72 24.30 30.73
N ASP K 31 -0.46 23.35 29.85
CA ASP K 31 -1.15 22.06 29.93
C ASP K 31 -0.18 20.85 29.90
N VAL K 32 1.13 21.13 29.98
CA VAL K 32 2.20 20.11 29.98
C VAL K 32 3.44 20.53 30.79
N VAL K 33 4.07 19.54 31.43
CA VAL K 33 5.48 19.64 31.90
C VAL K 33 6.45 18.83 31.03
N ILE K 34 7.54 19.49 30.63
CA ILE K 34 8.70 18.84 30.06
C ILE K 34 9.77 18.54 31.13
N VAL K 35 10.07 17.26 31.32
CA VAL K 35 11.09 16.81 32.25
C VAL K 35 12.39 16.48 31.51
N VAL K 36 13.44 17.22 31.85
CA VAL K 36 14.85 16.97 31.47
C VAL K 36 15.70 16.58 32.71
N SER K 37 15.89 15.26 32.93
CA SER K 37 16.36 14.64 34.22
C SER K 37 15.52 15.03 35.41
N ARG K 38 16.00 16.07 36.08
CA ARG K 38 15.51 16.48 37.38
C ARG K 38 14.84 17.84 37.28
N GLU K 39 15.21 18.60 36.26
CA GLU K 39 14.56 19.87 35.90
C GLU K 39 13.17 19.76 35.22
N GLN K 40 12.23 20.63 35.59
CA GLN K 40 10.83 20.59 35.11
C GLN K 40 10.46 21.91 34.41
N PHE K 41 9.75 21.85 33.29
CA PHE K 41 9.36 23.08 32.54
C PHE K 41 7.92 23.00 32.07
N ARG K 42 7.13 23.99 32.47
CA ARG K 42 5.70 23.97 32.20
C ARG K 42 5.52 24.76 30.95
N ALA K 43 4.59 24.38 30.09
CA ALA K 43 4.42 25.19 28.86
C ALA K 43 3.10 24.90 28.21
N HIS K 44 2.79 25.59 27.13
CA HIS K 44 1.58 25.28 26.35
C HIS K 44 1.98 24.34 25.20
N LYS K 45 1.34 23.18 25.12
CA LYS K 45 1.58 22.33 23.97
C LYS K 45 1.53 23.04 22.61
N THR K 46 0.59 23.97 22.38
CA THR K 46 0.43 24.52 21.04
C THR K 46 1.61 25.39 20.68
N VAL K 47 2.18 26.06 21.69
CA VAL K 47 3.35 26.90 21.42
C VAL K 47 4.54 26.00 21.07
N LEU K 48 4.70 24.89 21.80
CA LEU K 48 5.78 23.93 21.51
C LEU K 48 5.64 23.38 20.09
N MET K 49 4.41 22.95 19.72
CA MET K 49 4.08 22.42 18.38
C MET K 49 4.30 23.41 17.30
N ALA K 50 4.12 24.69 17.61
CA ALA K 50 4.30 25.74 16.62
C ALA K 50 5.77 26.03 16.40
N CYS K 51 6.62 25.50 17.27
CA CYS K 51 8.04 25.84 17.24
C CYS K 51 8.95 24.69 16.82
N SER K 52 8.58 23.47 17.24
CA SER K 52 9.43 22.32 16.98
C SER K 52 8.68 21.12 16.36
N GLY K 53 9.31 20.59 15.29
CA GLY K 53 8.86 19.35 14.61
C GLY K 53 8.71 18.18 15.55
N LEU K 54 9.61 18.08 16.54
CA LEU K 54 9.52 17.03 17.57
C LEU K 54 8.29 17.07 18.49
N PHE K 55 7.94 18.28 18.97
CA PHE K 55 6.76 18.40 19.89
C PHE K 55 5.49 18.23 19.07
N TYR K 56 5.49 18.79 17.86
CA TYR K 56 4.45 18.46 16.91
C TYR K 56 4.24 16.95 16.82
N SER K 57 5.32 16.22 16.58
CA SER K 57 5.24 14.74 16.52
C SER K 57 4.69 14.20 17.79
N ILE K 58 5.21 14.65 18.92
CA ILE K 58 4.77 14.08 20.20
C ILE K 58 3.28 14.32 20.46
N PHE K 59 2.83 15.57 20.36
CA PHE K 59 1.45 15.88 20.75
C PHE K 59 0.46 15.53 19.65
N THR K 60 0.99 15.07 18.53
CA THR K 60 0.18 14.64 17.40
C THR K 60 0.04 13.09 17.33
N ASP K 61 0.85 12.40 18.13
CA ASP K 61 0.67 10.99 18.43
C ASP K 61 -0.55 10.72 19.32
N GLN K 62 -1.55 9.99 18.85
CA GLN K 62 -2.78 9.79 19.68
C GLN K 62 -2.55 8.99 20.97
N LEU K 63 -1.37 8.37 21.10
CA LEU K 63 -1.01 7.65 22.32
C LEU K 63 -0.40 8.63 23.32
N LYS K 64 -0.07 9.84 22.87
CA LYS K 64 0.61 10.86 23.70
C LYS K 64 -0.18 12.21 23.86
N ARG K 65 -1.24 12.37 23.10
CA ARG K 65 -2.00 13.61 23.00
C ARG K 65 -2.43 14.13 24.38
N ASN K 66 -2.92 13.22 25.23
CA ASN K 66 -3.37 13.52 26.58
C ASN K 66 -2.35 13.43 27.72
N LEU K 67 -1.09 13.12 27.43
CA LEU K 67 -0.08 13.08 28.49
C LEU K 67 0.18 14.51 28.95
N SER K 68 0.31 14.69 30.26
CA SER K 68 0.63 16.01 30.82
C SER K 68 2.11 16.09 31.23
N VAL K 69 2.77 14.92 31.31
CA VAL K 69 4.23 14.79 31.49
C VAL K 69 4.95 14.29 30.21
N ILE K 70 5.91 15.04 29.71
CA ILE K 70 6.80 14.53 28.67
C ILE K 70 8.23 14.52 29.21
N ASN K 71 8.77 13.31 29.34
CA ASN K 71 10.19 13.09 29.67
C ASN K 71 11.04 13.08 28.42
N LEU K 72 11.92 14.07 28.31
CA LEU K 72 12.94 14.04 27.31
C LEU K 72 14.13 13.11 27.70
N ASP K 73 14.99 12.80 26.73
CA ASP K 73 16.24 12.07 26.93
C ASP K 73 17.03 12.73 28.06
N PRO K 74 17.45 11.94 29.05
CA PRO K 74 18.15 12.40 30.26
C PRO K 74 19.48 13.09 29.96
N GLU K 75 20.06 12.75 28.81
CA GLU K 75 21.29 13.40 28.38
C GLU K 75 21.04 14.81 27.85
N ILE K 76 19.77 15.24 27.79
CA ILE K 76 19.49 16.62 27.36
C ILE K 76 19.95 17.60 28.44
N ASN K 77 20.63 18.63 27.98
CA ASN K 77 21.16 19.64 28.86
C ASN K 77 20.10 20.69 29.28
N PRO K 78 19.64 20.68 30.55
CA PRO K 78 18.53 21.56 31.02
C PRO K 78 18.69 23.01 30.63
N GLU K 79 19.89 23.53 30.84
CA GLU K 79 20.20 24.91 30.46
C GLU K 79 20.00 25.22 28.99
N GLY K 80 20.26 24.25 28.12
CA GLY K 80 20.06 24.43 26.67
C GLY K 80 18.58 24.33 26.33
N PHE K 81 17.87 23.46 27.03
CA PHE K 81 16.44 23.42 26.86
C PHE K 81 15.79 24.80 27.21
N ASN K 82 16.03 25.20 28.46
CA ASN K 82 15.58 26.45 29.02
C ASN K 82 15.87 27.63 28.11
N ILE K 83 17.06 27.67 27.54
CA ILE K 83 17.40 28.76 26.63
C ILE K 83 16.51 28.73 25.40
N LEU K 84 16.05 27.53 25.04
CA LEU K 84 15.30 27.39 23.82
C LEU K 84 13.83 27.60 24.05
N LEU K 85 13.32 27.10 25.19
CA LEU K 85 11.99 27.46 25.71
C LEU K 85 11.81 28.98 25.71
N ASP K 86 12.72 29.71 26.36
CA ASP K 86 12.65 31.18 26.31
C ASP K 86 12.73 31.76 24.90
N PHE K 87 13.45 31.11 24.00
CA PHE K 87 13.49 31.63 22.64
C PHE K 87 12.15 31.45 21.96
N MET K 88 11.52 30.29 22.16
CA MET K 88 10.24 29.97 21.56
C MET K 88 9.22 31.03 21.93
N TYR K 89 9.22 31.44 23.21
CA TYR K 89 8.25 32.38 23.73
C TYR K 89 8.64 33.82 23.65
N THR K 90 9.82 34.15 23.09
CA THR K 90 10.31 35.56 23.08
C THR K 90 11.02 36.00 21.81
N SER K 91 11.40 35.08 20.92
CA SER K 91 12.21 35.44 19.75
C SER K 91 13.66 35.62 20.10
N ARG K 92 14.01 35.46 21.36
CA ARG K 92 15.33 35.86 21.78
C ARG K 92 16.17 34.70 22.18
N LEU K 93 17.27 34.52 21.46
CA LEU K 93 18.20 33.43 21.76
C LEU K 93 19.40 33.91 22.58
N ASN K 94 19.49 33.40 23.81
CA ASN K 94 20.50 33.85 24.80
C ASN K 94 21.67 32.88 24.93
N LEU K 95 22.73 33.22 24.20
CA LEU K 95 23.86 32.34 24.06
C LEU K 95 25.00 32.82 24.91
N ARG K 96 25.53 31.98 25.79
CA ARG K 96 26.91 32.22 26.18
C ARG K 96 27.83 31.01 26.01
N GLU K 97 29.13 31.24 26.17
CA GLU K 97 30.19 30.38 25.65
C GLU K 97 30.17 28.84 25.90
N GLY K 98 30.10 28.41 27.15
CA GLY K 98 30.08 26.98 27.46
C GLY K 98 28.71 26.32 27.44
N ASN K 99 27.74 26.95 26.76
CA ASN K 99 26.41 26.33 26.54
C ASN K 99 26.04 26.19 25.02
N ILE K 100 26.75 26.93 24.17
CA ILE K 100 26.37 27.04 22.75
C ILE K 100 26.33 25.74 21.94
N MET K 101 27.28 24.84 22.18
CA MET K 101 27.15 23.45 21.69
C MET K 101 25.91 22.76 22.25
N ALA K 102 25.64 22.95 23.54
CA ALA K 102 24.44 22.39 24.17
C ALA K 102 23.15 22.97 23.57
N VAL K 103 23.16 24.29 23.34
CA VAL K 103 22.05 24.96 22.66
C VAL K 103 21.81 24.33 21.27
N MET K 104 22.74 24.56 20.36
CA MET K 104 22.79 23.93 19.04
C MET K 104 22.42 22.43 19.09
N ALA K 105 23.02 21.66 19.98
CA ALA K 105 22.63 20.25 20.08
C ALA K 105 21.15 20.11 20.36
N THR K 106 20.68 20.90 21.34
CA THR K 106 19.29 20.86 21.77
C THR K 106 18.37 21.31 20.62
N ALA K 107 18.74 22.40 19.96
CA ALA K 107 18.01 22.82 18.80
C ALA K 107 17.86 21.68 17.77
N MET K 108 18.95 20.90 17.57
CA MET K 108 18.91 19.82 16.60
C MET K 108 17.98 18.69 17.03
N TYR K 109 18.03 18.26 18.27
CA TYR K 109 17.08 17.24 18.74
C TYR K 109 15.61 17.69 18.60
N LEU K 110 15.35 19.00 18.80
CA LEU K 110 14.01 19.56 18.75
C LEU K 110 13.54 19.87 17.31
N GLN K 111 14.46 19.83 16.35
CA GLN K 111 14.14 19.99 14.91
C GLN K 111 13.82 21.44 14.62
N MET K 112 14.74 22.28 15.09
CA MET K 112 14.66 23.71 14.91
C MET K 112 15.96 24.07 14.23
N GLU K 113 15.99 23.71 12.96
CA GLU K 113 17.22 23.64 12.21
C GLU K 113 17.77 25.03 11.91
N HIS K 114 16.86 26.01 11.81
CA HIS K 114 17.24 27.41 11.60
C HIS K 114 18.00 28.00 12.79
N VAL K 115 17.72 27.51 14.00
CA VAL K 115 18.44 28.00 15.16
C VAL K 115 19.87 27.45 15.07
N VAL K 116 19.97 26.18 14.64
CA VAL K 116 21.26 25.49 14.45
C VAL K 116 22.14 26.26 13.48
N ASP K 117 21.64 26.59 12.30
CA ASP K 117 22.48 27.31 11.31
C ASP K 117 22.92 28.66 11.85
N THR K 118 22.11 29.22 12.76
CA THR K 118 22.40 30.51 13.36
C THR K 118 23.55 30.37 14.34
N CYS K 119 23.52 29.33 15.17
CA CYS K 119 24.64 29.04 16.05
C CYS K 119 25.96 28.70 15.34
N ARG K 120 25.90 27.91 14.26
CA ARG K 120 27.12 27.63 13.50
C ARG K 120 27.62 28.94 12.90
N LYS K 121 26.86 29.50 11.95
CA LYS K 121 27.17 30.80 11.31
C LYS K 121 27.30 31.95 12.32
N PHE K 122 27.36 31.58 13.60
CA PHE K 122 27.63 32.54 14.65
C PHE K 122 29.09 32.46 15.04
N ILE K 123 29.61 31.25 15.32
CA ILE K 123 30.99 31.07 15.75
C ILE K 123 31.99 31.75 14.77
N LYS K 124 32.65 32.82 15.27
CA LYS K 124 33.44 33.82 14.46
C LYS K 124 34.94 33.89 14.81
N SER L 4 26.02 41.38 23.43
CA SER L 4 25.65 42.39 22.39
C SER L 4 24.49 41.91 21.48
N GLU L 5 23.46 42.75 21.32
CA GLU L 5 22.21 42.35 20.63
C GLU L 5 22.27 42.25 19.07
N ILE L 6 22.30 41.02 18.54
CA ILE L 6 22.29 40.86 17.08
C ILE L 6 20.98 40.29 16.48
N ILE L 7 20.68 40.76 15.27
CA ILE L 7 19.43 40.47 14.57
C ILE L 7 19.56 39.28 13.61
N SER L 8 18.63 38.33 13.70
CA SER L 8 18.52 37.25 12.70
C SER L 8 17.22 37.30 11.88
N THR L 9 17.42 37.20 10.56
CA THR L 9 16.38 37.24 9.54
C THR L 9 15.81 35.87 9.19
N ALA L 10 16.44 34.82 9.71
CA ALA L 10 16.13 33.42 9.33
C ALA L 10 14.66 33.04 9.55
N PRO L 11 13.97 32.54 8.51
CA PRO L 11 12.65 31.93 8.71
C PRO L 11 12.79 30.63 9.46
N SER L 12 11.75 30.27 10.21
CA SER L 12 11.68 29.00 10.88
C SER L 12 11.83 27.89 9.84
N SER L 13 12.48 26.81 10.23
CA SER L 13 12.58 25.64 9.35
C SER L 13 11.35 24.73 9.54
N TRP L 14 10.64 24.90 10.64
CA TRP L 14 9.50 24.03 10.93
C TRP L 14 8.24 24.72 10.48
N VAL L 15 7.43 24.05 9.66
CA VAL L 15 6.16 24.57 9.20
C VAL L 15 5.10 23.48 9.42
N VAL L 16 4.06 23.74 10.22
CA VAL L 16 3.01 22.75 10.43
C VAL L 16 2.33 22.45 9.10
N PRO L 17 2.33 21.18 8.65
CA PRO L 17 1.68 20.84 7.39
C PRO L 17 0.18 21.06 7.44
N GLY L 18 -0.42 21.41 6.31
CA GLY L 18 -1.83 21.78 6.32
C GLY L 18 -2.91 20.93 5.64
N PRO L 19 -2.53 19.91 4.85
CA PRO L 19 -3.59 19.52 3.88
C PRO L 19 -4.89 19.28 4.63
N SER M 5 -9.10 -27.20 -14.10
CA SER M 5 -8.29 -27.70 -15.26
C SER M 5 -7.44 -28.99 -14.99
N GLN M 6 -6.90 -29.59 -16.07
CA GLN M 6 -6.06 -30.82 -16.03
C GLN M 6 -5.21 -31.07 -17.28
N ILE M 7 -3.90 -31.25 -17.08
CA ILE M 7 -2.96 -31.44 -18.19
C ILE M 7 -2.35 -32.86 -18.28
N GLN M 8 -2.44 -33.47 -19.44
CA GLN M 8 -1.83 -34.77 -19.65
C GLN M 8 -0.46 -34.62 -20.31
N PHE M 9 0.56 -35.25 -19.72
CA PHE M 9 1.90 -35.22 -20.29
C PHE M 9 2.19 -36.49 -21.10
N THR M 10 1.97 -36.42 -22.41
CA THR M 10 1.97 -37.63 -23.23
C THR M 10 3.29 -38.38 -23.25
N ARG M 11 4.37 -37.77 -22.81
CA ARG M 11 5.61 -38.53 -22.76
C ARG M 11 6.16 -38.81 -21.37
N HIS M 12 5.31 -38.56 -20.37
CA HIS M 12 5.66 -38.81 -18.99
C HIS M 12 5.98 -40.28 -18.73
N ALA M 13 5.03 -41.19 -19.04
CA ALA M 13 5.27 -42.64 -18.80
C ALA M 13 6.57 -43.07 -19.47
N SER M 14 6.68 -42.67 -20.73
CA SER M 14 7.84 -43.00 -21.50
C SER M 14 9.14 -42.48 -20.85
N ASP M 15 9.11 -41.25 -20.32
CA ASP M 15 10.24 -40.70 -19.54
C ASP M 15 10.53 -41.44 -18.26
N VAL M 16 9.50 -41.75 -17.49
CA VAL M 16 9.66 -42.54 -16.28
C VAL M 16 10.36 -43.85 -16.61
N LEU M 17 9.84 -44.55 -17.62
CA LEU M 17 10.42 -45.84 -17.99
C LEU M 17 11.88 -45.74 -18.40
N LEU M 18 12.20 -44.68 -19.12
CA LEU M 18 13.59 -44.46 -19.50
C LEU M 18 14.50 -44.34 -18.26
N ASN M 19 14.00 -43.66 -17.23
CA ASN M 19 14.77 -43.51 -15.96
C ASN M 19 14.82 -44.75 -15.11
N LEU M 20 13.67 -45.42 -15.02
CA LEU M 20 13.62 -46.75 -14.40
C LEU M 20 14.63 -47.65 -15.05
N ASN M 21 14.72 -47.59 -16.38
CA ASN M 21 15.77 -48.32 -17.07
C ASN M 21 17.18 -47.93 -16.68
N ARG M 22 17.46 -46.62 -16.63
CA ARG M 22 18.84 -46.23 -16.28
C ARG M 22 19.16 -46.47 -14.81
N LEU M 23 18.13 -46.46 -13.97
CA LEU M 23 18.30 -46.89 -12.59
C LEU M 23 18.73 -48.34 -12.60
N ARG M 24 18.10 -49.14 -13.47
CA ARG M 24 18.49 -50.55 -13.56
C ARG M 24 19.92 -50.71 -14.07
N SER M 25 20.26 -50.10 -15.21
CA SER M 25 21.63 -50.25 -15.74
C SER M 25 22.75 -49.79 -14.79
N ARG M 26 22.45 -48.97 -13.78
CA ARG M 26 23.47 -48.59 -12.80
C ARG M 26 23.20 -49.20 -11.44
N ASP M 27 22.23 -50.10 -11.40
CA ASP M 27 22.01 -50.97 -10.24
C ASP M 27 21.52 -50.18 -9.02
N ILE M 28 20.67 -49.18 -9.27
CA ILE M 28 20.20 -48.34 -8.17
C ILE M 28 18.84 -48.74 -7.66
N LEU M 29 18.79 -49.12 -6.38
CA LEU M 29 17.54 -49.49 -5.74
C LEU M 29 16.85 -50.72 -6.34
N THR M 30 17.54 -51.40 -7.28
CA THR M 30 17.24 -52.79 -7.68
C THR M 30 17.24 -53.60 -6.42
N ASP M 31 16.21 -54.42 -6.23
CA ASP M 31 15.95 -55.10 -4.96
C ASP M 31 15.79 -56.62 -5.10
N VAL M 32 16.10 -57.19 -6.27
CA VAL M 32 15.92 -58.64 -6.53
C VAL M 32 16.87 -59.09 -7.61
N VAL M 33 17.38 -60.31 -7.45
CA VAL M 33 18.00 -61.06 -8.58
C VAL M 33 17.12 -62.23 -9.02
N ILE M 34 16.86 -62.28 -10.32
CA ILE M 34 16.19 -63.39 -11.00
C ILE M 34 17.29 -64.30 -11.55
N VAL M 35 17.34 -65.52 -11.01
CA VAL M 35 18.26 -66.56 -11.51
C VAL M 35 17.55 -67.45 -12.55
N VAL M 36 18.09 -67.44 -13.77
CA VAL M 36 17.59 -68.26 -14.86
C VAL M 36 18.69 -69.21 -15.31
N SER M 37 18.64 -70.44 -14.74
CA SER M 37 19.69 -71.46 -14.84
C SER M 37 20.96 -70.89 -14.18
N ARG M 38 21.98 -70.60 -14.97
CA ARG M 38 23.21 -70.04 -14.41
C ARG M 38 23.05 -68.53 -14.25
N GLU M 39 22.58 -67.90 -15.33
CA GLU M 39 22.52 -66.48 -15.46
C GLU M 39 21.64 -65.78 -14.41
N GLN M 40 21.98 -64.51 -14.16
CA GLN M 40 21.43 -63.70 -13.07
C GLN M 40 21.04 -62.32 -13.59
N PHE M 41 19.87 -61.85 -13.20
CA PHE M 41 19.41 -60.56 -13.68
C PHE M 41 18.93 -59.69 -12.52
N ARG M 42 19.49 -58.49 -12.39
CA ARG M 42 19.10 -57.55 -11.34
C ARG M 42 17.86 -56.84 -11.86
N ALA M 43 16.89 -56.55 -10.98
CA ALA M 43 15.74 -55.73 -11.39
C ALA M 43 14.98 -55.04 -10.24
N HIS M 44 13.97 -54.24 -10.59
CA HIS M 44 13.04 -53.74 -9.58
C HIS M 44 11.77 -54.55 -9.52
N LYS M 45 11.53 -55.10 -8.35
CA LYS M 45 10.33 -55.89 -8.13
C LYS M 45 9.06 -55.24 -8.69
N THR M 46 8.91 -53.93 -8.45
CA THR M 46 7.64 -53.26 -8.79
C THR M 46 7.52 -53.15 -10.25
N VAL M 47 8.65 -53.09 -10.95
CA VAL M 47 8.56 -53.07 -12.37
C VAL M 47 8.13 -54.45 -12.90
N LEU M 48 8.65 -55.52 -12.29
CA LEU M 48 8.26 -56.89 -12.64
C LEU M 48 6.75 -57.12 -12.46
N MET M 49 6.22 -56.78 -11.27
CA MET M 49 4.79 -56.93 -10.95
C MET M 49 3.91 -56.09 -11.82
N ALA M 50 4.46 -55.07 -12.43
CA ALA M 50 3.61 -54.23 -13.23
C ALA M 50 3.54 -54.71 -14.66
N CYS M 51 4.47 -55.61 -15.03
CA CYS M 51 4.54 -56.22 -16.37
C CYS M 51 4.07 -57.66 -16.47
N SER M 52 4.16 -58.41 -15.36
CA SER M 52 4.04 -59.87 -15.39
C SER M 52 3.15 -60.43 -14.26
N GLY M 53 2.18 -61.27 -14.62
CA GLY M 53 1.25 -61.83 -13.60
C GLY M 53 1.93 -62.83 -12.68
N LEU M 54 2.93 -63.49 -13.22
CA LEU M 54 3.73 -64.39 -12.45
C LEU M 54 4.42 -63.66 -11.30
N PHE M 55 5.24 -62.66 -11.65
CA PHE M 55 5.92 -61.81 -10.67
C PHE M 55 4.96 -61.12 -9.73
N TYR M 56 3.81 -60.68 -10.25
CA TYR M 56 2.79 -60.12 -9.39
C TYR M 56 2.50 -61.13 -8.29
N SER M 57 2.28 -62.40 -8.67
CA SER M 57 1.87 -63.44 -7.69
C SER M 57 2.95 -63.82 -6.70
N ILE M 58 4.16 -63.93 -7.20
CA ILE M 58 5.29 -64.21 -6.35
C ILE M 58 5.47 -63.11 -5.30
N PHE M 59 5.51 -61.84 -5.74
CA PHE M 59 5.85 -60.76 -4.81
C PHE M 59 4.71 -60.34 -3.90
N THR M 60 3.53 -60.87 -4.21
CA THR M 60 2.29 -60.79 -3.43
C THR M 60 2.07 -61.96 -2.44
N ASP M 61 2.81 -63.06 -2.63
CA ASP M 61 2.91 -64.13 -1.62
C ASP M 61 3.80 -63.59 -0.49
N GLN M 62 3.27 -63.51 0.73
CA GLN M 62 3.99 -62.75 1.79
C GLN M 62 5.18 -63.51 2.48
N LEU M 63 5.30 -64.82 2.16
CA LEU M 63 6.55 -65.55 2.46
C LEU M 63 7.62 -65.22 1.42
N LYS M 64 7.19 -64.95 0.19
CA LYS M 64 8.12 -64.60 -0.88
C LYS M 64 8.37 -63.09 -1.06
N ARG M 65 7.43 -62.25 -0.60
CA ARG M 65 7.52 -60.80 -0.77
C ARG M 65 8.95 -60.30 -0.50
N ASN M 66 9.56 -60.77 0.58
CA ASN M 66 10.83 -60.18 0.96
C ASN M 66 12.09 -60.88 0.50
N LEU M 67 11.95 -61.97 -0.27
CA LEU M 67 13.09 -62.62 -0.90
C LEU M 67 13.75 -61.69 -1.89
N SER M 68 15.08 -61.68 -1.91
CA SER M 68 15.75 -60.91 -2.93
C SER M 68 16.48 -61.74 -4.00
N VAL M 69 16.27 -63.05 -3.94
CA VAL M 69 16.69 -63.97 -4.98
C VAL M 69 15.45 -64.76 -5.34
N ILE M 70 15.15 -64.76 -6.63
CA ILE M 70 14.07 -65.58 -7.17
C ILE M 70 14.61 -66.52 -8.28
N ASN M 71 14.36 -67.82 -8.09
CA ASN M 71 14.81 -68.86 -9.05
C ASN M 71 13.75 -69.19 -10.09
N LEU M 72 13.89 -68.72 -11.30
CA LEU M 72 13.01 -69.23 -12.37
C LEU M 72 13.15 -70.77 -12.67
N ASP M 73 12.02 -71.41 -13.01
CA ASP M 73 11.92 -72.78 -13.55
C ASP M 73 13.11 -73.09 -14.47
N PRO M 74 13.81 -74.22 -14.17
CA PRO M 74 15.10 -74.57 -14.81
C PRO M 74 14.98 -74.71 -16.35
N GLU M 75 13.74 -74.92 -16.80
CA GLU M 75 13.41 -74.93 -18.23
C GLU M 75 13.51 -73.61 -18.94
N ILE M 76 13.31 -72.49 -18.24
CA ILE M 76 13.35 -71.17 -18.88
C ILE M 76 14.72 -70.85 -19.48
N ASN M 77 14.66 -70.28 -20.67
CA ASN M 77 15.83 -69.93 -21.42
C ASN M 77 16.32 -68.51 -21.07
N PRO M 78 17.53 -68.38 -20.43
CA PRO M 78 18.18 -67.08 -20.10
C PRO M 78 18.06 -66.02 -21.20
N GLU M 79 18.44 -66.36 -22.43
CA GLU M 79 18.30 -65.43 -23.55
C GLU M 79 16.87 -64.92 -23.82
N GLY M 80 15.88 -65.78 -23.61
CA GLY M 80 14.47 -65.38 -23.72
C GLY M 80 14.05 -64.46 -22.56
N PHE M 81 14.50 -64.80 -21.36
CA PHE M 81 14.22 -63.97 -20.21
C PHE M 81 14.87 -62.60 -20.40
N ASN M 82 16.13 -62.61 -20.79
CA ASN M 82 16.78 -61.38 -21.10
C ASN M 82 16.01 -60.48 -22.07
N ILE M 83 15.46 -61.06 -23.12
CA ILE M 83 14.71 -60.27 -24.11
C ILE M 83 13.46 -59.69 -23.49
N LEU M 84 12.89 -60.41 -22.55
CA LEU M 84 11.67 -59.93 -21.92
C LEU M 84 11.96 -58.89 -20.85
N LEU M 85 13.12 -58.98 -20.19
CA LEU M 85 13.49 -57.99 -19.18
C LEU M 85 13.70 -56.66 -19.89
N ASP M 86 14.51 -56.66 -20.95
CA ASP M 86 14.71 -55.44 -21.70
C ASP M 86 13.38 -54.92 -22.22
N PHE M 87 12.45 -55.81 -22.52
CA PHE M 87 11.22 -55.33 -23.12
C PHE M 87 10.44 -54.61 -22.03
N MET M 88 10.51 -55.14 -20.82
CA MET M 88 9.83 -54.58 -19.66
C MET M 88 10.29 -53.12 -19.41
N TYR M 89 11.60 -52.93 -19.46
CA TYR M 89 12.20 -51.65 -19.14
C TYR M 89 12.26 -50.67 -20.33
N THR M 90 11.85 -51.10 -21.54
CA THR M 90 11.99 -50.27 -22.76
C THR M 90 10.81 -50.21 -23.76
N SER M 91 9.80 -51.08 -23.64
CA SER M 91 8.73 -51.16 -24.70
C SER M 91 9.17 -51.90 -25.99
N ARG M 92 10.37 -52.46 -25.98
CA ARG M 92 10.98 -53.00 -27.19
C ARG M 92 11.30 -54.50 -27.09
N LEU M 93 10.63 -55.24 -27.95
CA LEU M 93 10.81 -56.68 -28.06
C LEU M 93 11.76 -57.02 -29.19
N ASN M 94 12.95 -57.49 -28.87
CA ASN M 94 13.93 -57.80 -29.92
C ASN M 94 13.97 -59.25 -30.41
N LEU M 95 13.33 -59.49 -31.55
CA LEU M 95 13.13 -60.86 -32.07
C LEU M 95 14.12 -61.33 -33.14
N ARG M 96 14.76 -62.47 -32.88
CA ARG M 96 15.40 -63.19 -33.98
C ARG M 96 14.54 -64.39 -34.36
N GLU M 97 14.94 -65.09 -35.41
CA GLU M 97 14.29 -66.37 -35.73
C GLU M 97 14.76 -67.48 -34.80
N GLY M 98 16.04 -67.44 -34.40
CA GLY M 98 16.58 -68.42 -33.46
C GLY M 98 16.15 -68.25 -32.00
N ASN M 99 15.47 -67.15 -31.67
CA ASN M 99 15.00 -66.95 -30.30
C ASN M 99 13.50 -66.83 -30.15
N ILE M 100 12.78 -66.71 -31.27
CA ILE M 100 11.33 -66.48 -31.23
C ILE M 100 10.54 -67.47 -30.36
N MET M 101 11.04 -68.69 -30.26
CA MET M 101 10.39 -69.70 -29.46
C MET M 101 10.80 -69.67 -27.98
N ALA M 102 12.06 -69.30 -27.73
CA ALA M 102 12.52 -68.98 -26.38
C ALA M 102 11.67 -67.86 -25.79
N VAL M 103 11.40 -66.84 -26.61
CA VAL M 103 10.73 -65.64 -26.15
C VAL M 103 9.30 -65.98 -25.81
N MET M 104 8.62 -66.63 -26.75
CA MET M 104 7.19 -66.93 -26.58
C MET M 104 6.91 -67.83 -25.38
N ALA M 105 7.76 -68.84 -25.22
CA ALA M 105 7.66 -69.73 -24.06
C ALA M 105 7.89 -68.96 -22.74
N THR M 106 8.88 -68.03 -22.74
CA THR M 106 9.12 -67.21 -21.55
C THR M 106 7.95 -66.28 -21.29
N ALA M 107 7.41 -65.69 -22.35
CA ALA M 107 6.28 -64.77 -22.20
C ALA M 107 5.03 -65.43 -21.64
N MET M 108 4.85 -66.72 -21.96
CA MET M 108 3.71 -67.51 -21.50
C MET M 108 3.93 -67.86 -20.04
N TYR M 109 5.14 -68.23 -19.72
CA TYR M 109 5.52 -68.50 -18.34
C TYR M 109 5.30 -67.26 -17.46
N LEU M 110 5.69 -66.09 -17.97
CA LEU M 110 5.56 -64.81 -17.24
C LEU M 110 4.14 -64.23 -17.25
N GLN M 111 3.27 -64.83 -18.07
CA GLN M 111 1.87 -64.44 -18.10
C GLN M 111 1.68 -63.09 -18.75
N MET M 112 2.22 -63.02 -19.96
CA MET M 112 2.27 -61.81 -20.73
C MET M 112 1.68 -62.17 -22.09
N GLU M 113 0.37 -62.30 -22.11
CA GLU M 113 -0.33 -62.88 -23.28
C GLU M 113 -0.27 -62.08 -24.57
N HIS M 114 -0.30 -60.75 -24.46
CA HIS M 114 -0.17 -59.85 -25.61
C HIS M 114 1.24 -59.98 -26.23
N VAL M 115 2.23 -60.28 -25.41
CA VAL M 115 3.53 -60.49 -26.01
C VAL M 115 3.47 -61.80 -26.79
N VAL M 116 2.78 -62.80 -26.22
CA VAL M 116 2.61 -64.11 -26.85
C VAL M 116 1.90 -63.93 -28.19
N ASP M 117 0.73 -63.32 -28.13
CA ASP M 117 -0.08 -63.00 -29.29
C ASP M 117 0.65 -62.27 -30.39
N THR M 118 1.55 -61.39 -30.00
CA THR M 118 2.43 -60.64 -30.91
C THR M 118 3.46 -61.60 -31.52
N CYS M 119 3.97 -62.53 -30.71
CA CYS M 119 4.96 -63.51 -31.16
C CYS M 119 4.33 -64.40 -32.20
N ARG M 120 3.08 -64.81 -31.94
CA ARG M 120 2.36 -65.66 -32.87
C ARG M 120 2.23 -64.88 -34.17
N LYS M 121 1.49 -63.77 -34.12
CA LYS M 121 1.33 -62.88 -35.27
C LYS M 121 2.63 -62.67 -36.04
N PHE M 122 3.77 -62.71 -35.33
CA PHE M 122 5.09 -62.53 -35.95
C PHE M 122 5.49 -63.71 -36.83
N ILE M 123 5.27 -64.95 -36.37
CA ILE M 123 5.61 -66.12 -37.20
C ILE M 123 4.66 -66.29 -38.42
N LYS M 124 4.17 -65.17 -38.95
CA LYS M 124 3.52 -65.12 -40.26
C LYS M 124 4.56 -65.34 -41.37
N ALA M 125 5.44 -64.36 -41.60
CA ALA M 125 6.58 -64.55 -42.50
C ALA M 125 7.50 -65.62 -41.89
N SER M 126 7.25 -66.89 -42.27
CA SER M 126 7.81 -68.04 -41.54
C SER M 126 8.70 -68.97 -42.37
N ARG N 3 14.93 -57.48 -40.39
CA ARG N 3 15.87 -56.54 -39.69
C ARG N 3 15.36 -55.08 -39.80
N SER N 4 14.39 -54.72 -38.94
CA SER N 4 13.80 -53.37 -38.86
C SER N 4 12.64 -53.34 -37.86
N GLU N 5 12.51 -52.23 -37.11
CA GLU N 5 11.45 -52.10 -36.09
C GLU N 5 10.01 -51.83 -36.59
N ILE N 6 9.10 -52.75 -36.24
CA ILE N 6 7.65 -52.56 -36.43
C ILE N 6 6.98 -52.03 -35.13
N ILE N 7 5.80 -51.41 -35.28
CA ILE N 7 5.08 -50.75 -34.20
C ILE N 7 3.83 -51.57 -33.84
N SER N 8 3.45 -51.57 -32.57
CA SER N 8 2.27 -52.30 -32.11
C SER N 8 1.44 -51.58 -31.06
N THR N 9 0.15 -51.47 -31.34
CA THR N 9 -0.82 -50.77 -30.49
C THR N 9 -1.45 -51.69 -29.44
N ALA N 10 -0.88 -52.89 -29.30
CA ALA N 10 -1.42 -53.93 -28.42
C ALA N 10 -1.35 -53.51 -26.96
N PRO N 11 -2.51 -53.40 -26.29
CA PRO N 11 -2.60 -53.13 -24.86
C PRO N 11 -1.98 -54.28 -24.08
N SER N 12 -1.61 -54.04 -22.83
CA SER N 12 -1.06 -55.12 -22.03
C SER N 12 -2.24 -55.98 -21.57
N SER N 13 -2.01 -57.29 -21.43
CA SER N 13 -3.00 -58.23 -20.95
C SER N 13 -2.90 -58.32 -19.44
N TRP N 14 -1.74 -57.95 -18.90
CA TRP N 14 -1.57 -57.99 -17.45
C TRP N 14 -2.09 -56.68 -16.85
N VAL N 15 -3.00 -56.82 -15.90
CA VAL N 15 -3.60 -55.69 -15.24
C VAL N 15 -3.66 -56.02 -13.77
N VAL N 16 -2.94 -55.27 -12.95
CA VAL N 16 -2.94 -55.50 -11.51
C VAL N 16 -4.35 -55.46 -10.95
N PRO N 17 -4.79 -56.51 -10.21
CA PRO N 17 -6.11 -56.57 -9.54
C PRO N 17 -6.39 -55.34 -8.70
N GLY N 18 -7.67 -55.09 -8.37
CA GLY N 18 -8.04 -53.92 -7.56
C GLY N 18 -8.81 -54.05 -6.23
N PRO N 19 -8.97 -55.29 -5.69
CA PRO N 19 -10.03 -55.49 -4.66
C PRO N 19 -9.56 -55.28 -3.20
N ASP O 4 15.03 -61.28 -38.83
CA ASP O 4 15.30 -60.31 -37.72
C ASP O 4 14.20 -59.27 -37.63
N SER O 5 13.96 -58.78 -36.41
CA SER O 5 12.85 -57.87 -36.13
C SER O 5 12.96 -57.24 -34.74
N GLN O 6 12.13 -56.23 -34.48
CA GLN O 6 11.99 -55.63 -33.15
C GLN O 6 10.73 -54.78 -32.98
N ILE O 7 9.89 -55.13 -32.02
CA ILE O 7 8.57 -54.52 -31.98
C ILE O 7 8.40 -53.58 -30.78
N GLN O 8 7.69 -52.49 -31.03
CA GLN O 8 7.61 -51.41 -30.09
C GLN O 8 6.20 -51.24 -29.59
N PHE O 9 5.99 -51.48 -28.31
CA PHE O 9 4.64 -51.33 -27.83
C PHE O 9 4.48 -49.89 -27.40
N THR O 10 3.75 -49.19 -28.25
CA THR O 10 3.55 -47.79 -28.09
C THR O 10 2.79 -47.57 -26.78
N ARG O 11 1.96 -48.52 -26.35
CA ARG O 11 1.26 -48.35 -25.07
C ARG O 11 1.89 -48.99 -23.84
N HIS O 12 3.10 -49.53 -24.01
CA HIS O 12 3.75 -50.29 -22.94
C HIS O 12 3.97 -49.47 -21.64
N ALA O 13 4.92 -48.51 -21.71
CA ALA O 13 5.23 -47.53 -20.62
C ALA O 13 4.04 -47.00 -19.83
N SER O 14 3.01 -46.59 -20.56
CA SER O 14 1.78 -46.15 -19.95
C SER O 14 1.05 -47.26 -19.18
N ASP O 15 1.08 -48.48 -19.72
CA ASP O 15 0.47 -49.64 -19.05
C ASP O 15 1.20 -49.92 -17.74
N VAL O 16 2.53 -49.95 -17.79
CA VAL O 16 3.35 -50.08 -16.59
C VAL O 16 3.01 -49.02 -15.54
N LEU O 17 3.00 -47.77 -16.00
CA LEU O 17 2.73 -46.68 -15.11
C LEU O 17 1.35 -46.85 -14.49
N LEU O 18 0.36 -47.22 -15.30
CA LEU O 18 -0.95 -47.44 -14.69
C LEU O 18 -0.97 -48.58 -13.62
N ASN O 19 -0.12 -49.59 -13.82
CA ASN O 19 -0.06 -50.71 -12.87
C ASN O 19 0.69 -50.31 -11.61
N LEU O 20 1.67 -49.41 -11.76
CA LEU O 20 2.41 -48.85 -10.60
C LEU O 20 1.46 -48.09 -9.67
N ASN O 21 0.59 -47.30 -10.30
CA ASN O 21 -0.43 -46.60 -9.54
C ASN O 21 -1.37 -47.53 -8.75
N ARG O 22 -1.89 -48.60 -9.37
CA ARG O 22 -2.66 -49.56 -8.50
C ARG O 22 -1.81 -50.31 -7.51
N LEU O 23 -0.53 -50.53 -7.78
CA LEU O 23 0.31 -51.04 -6.70
C LEU O 23 0.24 -50.09 -5.53
N ARG O 24 0.53 -48.81 -5.79
CA ARG O 24 0.39 -47.74 -4.78
C ARG O 24 -1.00 -47.63 -4.15
N SER O 25 -2.07 -47.79 -4.93
CA SER O 25 -3.43 -47.71 -4.36
C SER O 25 -3.65 -48.66 -3.25
N ARG O 26 -2.99 -49.81 -3.34
CA ARG O 26 -3.26 -50.96 -2.50
C ARG O 26 -2.08 -51.15 -1.58
N ASP O 27 -1.22 -50.15 -1.55
CA ASP O 27 -0.03 -50.17 -0.71
C ASP O 27 0.88 -51.41 -0.89
N ILE O 28 1.02 -51.87 -2.14
CA ILE O 28 1.91 -52.99 -2.44
C ILE O 28 3.33 -52.56 -2.87
N LEU O 29 4.30 -52.98 -2.06
CA LEU O 29 5.74 -52.85 -2.32
C LEU O 29 6.26 -51.41 -2.24
N THR O 30 5.42 -50.55 -1.66
CA THR O 30 5.81 -49.21 -1.25
C THR O 30 6.85 -49.26 -0.13
N ASP O 31 7.93 -48.52 -0.29
CA ASP O 31 9.09 -48.65 0.58
C ASP O 31 9.46 -47.34 1.27
N VAL O 32 8.58 -46.34 1.21
CA VAL O 32 8.83 -44.99 1.77
C VAL O 32 7.55 -44.22 2.06
N VAL O 33 7.51 -43.57 3.22
CA VAL O 33 6.51 -42.52 3.50
C VAL O 33 7.12 -41.12 3.39
N ILE O 34 6.48 -40.31 2.54
CA ILE O 34 6.81 -38.87 2.44
C ILE O 34 5.91 -38.10 3.40
N VAL O 35 6.57 -37.43 4.36
CA VAL O 35 5.86 -36.65 5.39
C VAL O 35 5.94 -35.14 5.11
N VAL O 36 4.76 -34.58 4.81
CA VAL O 36 4.60 -33.21 4.37
C VAL O 36 3.75 -32.42 5.37
N SER O 37 4.46 -31.68 6.23
CA SER O 37 3.89 -31.01 7.41
C SER O 37 3.44 -32.11 8.37
N ARG O 38 2.14 -32.36 8.46
CA ARG O 38 1.69 -33.45 9.29
C ARG O 38 1.28 -34.71 8.48
N GLU O 39 0.80 -34.48 7.25
CA GLU O 39 0.37 -35.56 6.32
C GLU O 39 1.43 -36.60 5.90
N GLN O 40 0.95 -37.82 5.63
CA GLN O 40 1.82 -38.90 5.14
C GLN O 40 1.41 -39.30 3.74
N PHE O 41 2.38 -39.72 2.94
CA PHE O 41 2.12 -40.20 1.58
C PHE O 41 2.99 -41.41 1.34
N ARG O 42 2.37 -42.55 1.02
CA ARG O 42 3.14 -43.79 0.82
C ARG O 42 3.48 -43.86 -0.66
N ALA O 43 4.71 -44.26 -0.99
CA ALA O 43 5.10 -44.40 -2.39
C ALA O 43 6.28 -45.37 -2.61
N HIS O 44 6.77 -45.45 -3.83
CA HIS O 44 7.92 -46.24 -4.17
C HIS O 44 9.04 -45.31 -4.48
N LYS O 45 10.17 -45.51 -3.80
CA LYS O 45 11.33 -44.71 -4.08
C LYS O 45 11.65 -44.65 -5.57
N THR O 46 11.51 -45.79 -6.27
CA THR O 46 12.07 -45.90 -7.61
C THR O 46 11.28 -45.00 -8.52
N VAL O 47 9.98 -44.86 -8.22
CA VAL O 47 9.13 -43.94 -9.00
C VAL O 47 9.47 -42.46 -8.71
N LEU O 48 9.54 -42.11 -7.42
CA LEU O 48 10.01 -40.80 -6.98
C LEU O 48 11.29 -40.44 -7.69
N MET O 49 12.29 -41.33 -7.68
CA MET O 49 13.63 -41.06 -8.28
C MET O 49 13.62 -40.95 -9.77
N ALA O 50 12.62 -41.53 -10.42
CA ALA O 50 12.55 -41.45 -11.86
C ALA O 50 11.87 -40.14 -12.24
N CYS O 51 11.22 -39.50 -11.27
CA CYS O 51 10.48 -38.30 -11.51
C CYS O 51 11.14 -37.01 -11.03
N SER O 52 11.81 -37.07 -9.88
CA SER O 52 12.32 -35.88 -9.23
C SER O 52 13.81 -35.97 -8.97
N GLY O 53 14.55 -34.95 -9.43
CA GLY O 53 15.97 -34.77 -9.07
C GLY O 53 16.15 -34.66 -7.56
N LEU O 54 15.20 -34.03 -6.88
CA LEU O 54 15.29 -33.98 -5.42
C LEU O 54 15.35 -35.39 -4.79
N PHE O 55 14.29 -36.17 -5.00
CA PHE O 55 14.20 -37.54 -4.45
C PHE O 55 15.32 -38.40 -4.97
N TYR O 56 15.73 -38.20 -6.19
CA TYR O 56 16.91 -38.93 -6.61
C TYR O 56 18.06 -38.75 -5.62
N SER O 57 18.47 -37.50 -5.36
CA SER O 57 19.61 -37.18 -4.47
C SER O 57 19.38 -37.70 -3.08
N ILE O 58 18.17 -37.56 -2.58
CA ILE O 58 17.89 -38.03 -1.23
C ILE O 58 18.19 -39.51 -1.08
N PHE O 59 17.77 -40.30 -2.07
CA PHE O 59 17.85 -41.75 -2.00
C PHE O 59 19.20 -42.32 -2.49
N THR O 60 19.95 -41.50 -3.23
CA THR O 60 21.37 -41.71 -3.58
C THR O 60 22.35 -41.36 -2.44
N ASP O 61 21.83 -40.82 -1.34
CA ASP O 61 22.62 -40.33 -0.24
C ASP O 61 22.63 -41.43 0.79
N GLN O 62 23.81 -42.04 1.01
CA GLN O 62 23.94 -43.22 1.88
C GLN O 62 23.84 -42.87 3.39
N LEU O 63 23.53 -41.60 3.69
CA LEU O 63 23.14 -41.18 5.03
C LEU O 63 21.60 -41.31 5.15
N LYS O 64 20.93 -41.56 4.03
CA LYS O 64 19.47 -41.38 3.90
C LYS O 64 18.81 -42.46 3.05
N ARG O 65 19.61 -43.12 2.22
CA ARG O 65 19.15 -44.20 1.32
C ARG O 65 18.24 -45.23 2.03
N ASN O 66 18.61 -45.56 3.27
CA ASN O 66 17.92 -46.59 4.07
C ASN O 66 16.70 -46.09 4.84
N LEU O 67 16.40 -44.80 4.68
CA LEU O 67 15.26 -44.23 5.37
C LEU O 67 13.97 -44.70 4.75
N SER O 68 13.02 -45.10 5.60
CA SER O 68 11.67 -45.36 5.14
C SER O 68 10.77 -44.14 5.41
N VAL O 69 11.31 -43.15 6.13
CA VAL O 69 10.63 -41.87 6.42
C VAL O 69 11.41 -40.71 5.82
N ILE O 70 10.72 -39.88 5.05
CA ILE O 70 11.32 -38.64 4.56
C ILE O 70 10.41 -37.46 4.87
N ASN O 71 10.95 -36.54 5.66
CA ASN O 71 10.24 -35.29 5.98
C ASN O 71 10.56 -34.22 4.96
N LEU O 72 9.54 -33.71 4.29
CA LEU O 72 9.73 -32.60 3.36
C LEU O 72 9.83 -31.25 4.12
N ASP O 73 10.70 -30.34 3.63
CA ASP O 73 10.77 -28.93 4.10
C ASP O 73 9.40 -28.36 4.51
N PRO O 74 9.30 -27.83 5.77
CA PRO O 74 8.05 -27.34 6.41
C PRO O 74 7.25 -26.34 5.57
N GLU O 75 7.94 -25.60 4.71
CA GLU O 75 7.30 -24.62 3.80
C GLU O 75 6.44 -25.26 2.68
N ILE O 76 6.62 -26.56 2.46
CA ILE O 76 5.92 -27.27 1.38
C ILE O 76 4.48 -27.58 1.76
N ASN O 77 3.63 -27.47 0.76
CA ASN O 77 2.18 -27.52 0.90
C ASN O 77 1.54 -28.90 0.55
N PRO O 78 1.04 -29.63 1.55
CA PRO O 78 0.44 -30.97 1.39
C PRO O 78 -0.40 -31.16 0.15
N GLU O 79 -1.29 -30.22 -0.10
CA GLU O 79 -2.17 -30.29 -1.28
C GLU O 79 -1.38 -30.35 -2.58
N GLY O 80 -0.25 -29.66 -2.62
CA GLY O 80 0.49 -29.52 -3.84
C GLY O 80 1.44 -30.66 -4.01
N PHE O 81 1.83 -31.27 -2.89
CA PHE O 81 2.71 -32.43 -3.00
C PHE O 81 1.84 -33.53 -3.59
N ASN O 82 0.66 -33.63 -3.01
CA ASN O 82 -0.31 -34.56 -3.49
C ASN O 82 -0.61 -34.48 -4.97
N ILE O 83 -0.79 -33.28 -5.51
CA ILE O 83 -1.03 -33.18 -6.93
C ILE O 83 0.20 -33.66 -7.71
N LEU O 84 1.38 -33.49 -7.14
CA LEU O 84 2.55 -33.88 -7.89
C LEU O 84 2.77 -35.42 -7.82
N LEU O 85 2.51 -36.00 -6.65
CA LEU O 85 2.45 -37.47 -6.46
C LEU O 85 1.47 -38.12 -7.46
N ASP O 86 0.22 -37.64 -7.45
CA ASP O 86 -0.72 -38.11 -8.44
C ASP O 86 -0.19 -37.94 -9.85
N PHE O 87 0.51 -36.85 -10.12
CA PHE O 87 1.00 -36.60 -11.47
C PHE O 87 2.07 -37.63 -11.83
N MET O 88 2.92 -37.96 -10.85
CA MET O 88 3.99 -38.94 -11.07
C MET O 88 3.41 -40.31 -11.45
N TYR O 89 2.41 -40.74 -10.73
CA TYR O 89 1.81 -42.03 -10.92
C TYR O 89 0.78 -42.09 -12.04
N THR O 90 0.47 -40.95 -12.66
CA THR O 90 -0.63 -40.95 -13.63
C THR O 90 -0.43 -40.18 -14.91
N SER O 91 0.55 -39.27 -14.95
CA SER O 91 0.72 -38.34 -16.10
C SER O 91 -0.23 -37.13 -16.12
N ARG O 92 -1.08 -37.01 -15.11
CA ARG O 92 -2.09 -35.98 -15.14
C ARG O 92 -1.93 -34.94 -14.01
N LEU O 93 -1.58 -33.72 -14.41
CA LEU O 93 -1.56 -32.54 -13.52
C LEU O 93 -2.93 -31.90 -13.33
N ASN O 94 -3.44 -31.95 -12.10
CA ASN O 94 -4.71 -31.32 -11.78
C ASN O 94 -4.53 -29.93 -11.21
N LEU O 95 -4.42 -28.98 -12.14
CA LEU O 95 -4.28 -27.56 -11.81
C LEU O 95 -5.64 -26.88 -11.56
N ARG O 96 -5.93 -26.61 -10.28
CA ARG O 96 -7.01 -25.68 -9.96
C ARG O 96 -6.48 -24.22 -9.69
N GLU O 97 -7.42 -23.27 -9.59
CA GLU O 97 -7.10 -21.86 -9.32
C GLU O 97 -6.49 -21.69 -7.95
N GLY O 98 -7.11 -22.30 -6.95
CA GLY O 98 -6.69 -22.14 -5.55
C GLY O 98 -5.43 -22.91 -5.20
N ASN O 99 -4.80 -23.51 -6.20
CA ASN O 99 -3.61 -24.31 -5.92
C ASN O 99 -2.46 -24.31 -6.91
N ILE O 100 -2.62 -23.68 -8.07
CA ILE O 100 -1.50 -23.68 -9.06
C ILE O 100 -0.21 -23.04 -8.50
N MET O 101 -0.35 -22.20 -7.49
CA MET O 101 0.81 -21.62 -6.89
C MET O 101 1.51 -22.61 -6.02
N ALA O 102 0.75 -23.29 -5.17
CA ALA O 102 1.28 -24.45 -4.40
C ALA O 102 1.91 -25.51 -5.34
N VAL O 103 1.25 -25.82 -6.45
CA VAL O 103 1.75 -26.83 -7.35
C VAL O 103 3.10 -26.41 -7.88
N MET O 104 3.17 -25.20 -8.41
CA MET O 104 4.40 -24.67 -9.01
C MET O 104 5.52 -24.60 -8.00
N ALA O 105 5.21 -24.14 -6.80
CA ALA O 105 6.27 -24.09 -5.76
C ALA O 105 6.80 -25.49 -5.35
N THR O 106 5.90 -26.48 -5.32
CA THR O 106 6.31 -27.83 -4.94
C THR O 106 7.16 -28.44 -6.07
N ALA O 107 6.72 -28.18 -7.30
CA ALA O 107 7.40 -28.64 -8.47
C ALA O 107 8.84 -28.12 -8.51
N MET O 108 9.00 -26.83 -8.13
CA MET O 108 10.28 -26.13 -8.00
C MET O 108 11.20 -26.85 -7.03
N TYR O 109 10.68 -27.13 -5.85
CA TYR O 109 11.41 -27.85 -4.82
C TYR O 109 11.85 -29.29 -5.21
N LEU O 110 10.97 -30.02 -5.90
CA LEU O 110 11.24 -31.41 -6.33
C LEU O 110 12.16 -31.42 -7.54
N GLN O 111 12.45 -30.23 -8.04
CA GLN O 111 13.30 -30.03 -9.24
C GLN O 111 12.71 -30.76 -10.43
N MET O 112 11.46 -30.39 -10.72
CA MET O 112 10.70 -30.89 -11.85
C MET O 112 10.35 -29.69 -12.73
N GLU O 113 11.31 -29.34 -13.59
CA GLU O 113 11.32 -28.02 -14.22
C GLU O 113 10.25 -27.87 -15.29
N HIS O 114 10.09 -28.92 -16.10
CA HIS O 114 9.04 -29.02 -17.11
C HIS O 114 7.66 -28.85 -16.50
N VAL O 115 7.53 -29.15 -15.21
CA VAL O 115 6.24 -28.93 -14.56
C VAL O 115 6.04 -27.46 -14.26
N VAL O 116 7.13 -26.80 -13.83
CA VAL O 116 7.18 -25.35 -13.58
C VAL O 116 6.80 -24.61 -14.87
N ASP O 117 7.51 -24.88 -15.97
CA ASP O 117 7.23 -24.26 -17.27
C ASP O 117 5.76 -24.34 -17.69
N THR O 118 5.18 -25.53 -17.53
CA THR O 118 3.79 -25.77 -17.83
C THR O 118 2.93 -25.01 -16.84
N CYS O 119 3.40 -24.90 -15.60
CA CYS O 119 2.74 -24.08 -14.61
C CYS O 119 2.81 -22.58 -14.99
N ARG O 120 3.92 -22.17 -15.60
CA ARG O 120 4.09 -20.84 -16.11
C ARG O 120 3.15 -20.66 -17.30
N LYS O 121 3.42 -21.34 -18.42
CA LYS O 121 2.56 -21.23 -19.60
C LYS O 121 1.10 -21.17 -19.22
N PHE O 122 0.77 -21.72 -18.06
CA PHE O 122 -0.63 -21.82 -17.66
C PHE O 122 -1.24 -20.52 -17.13
N ILE O 123 -0.42 -19.55 -16.73
CA ILE O 123 -0.95 -18.19 -16.58
C ILE O 123 -0.88 -17.41 -17.92
N LYS O 124 -1.70 -17.89 -18.86
CA LYS O 124 -2.01 -17.24 -20.12
C LYS O 124 -3.38 -16.59 -19.90
N ALA O 125 -4.42 -17.42 -19.96
CA ALA O 125 -5.71 -17.04 -19.41
C ALA O 125 -5.55 -16.88 -17.88
N ARG P 3 -11.61 -29.01 -14.64
CA ARG P 3 -12.55 -28.73 -15.77
C ARG P 3 -12.13 -29.37 -17.13
N SER P 4 -11.40 -28.61 -17.96
CA SER P 4 -11.20 -28.95 -19.39
C SER P 4 -9.78 -29.49 -19.75
N GLU P 5 -9.73 -30.76 -20.16
CA GLU P 5 -8.48 -31.52 -20.41
C GLU P 5 -7.59 -31.06 -21.60
N ILE P 6 -6.31 -30.78 -21.34
CA ILE P 6 -5.35 -30.35 -22.38
C ILE P 6 -4.01 -31.11 -22.36
N ILE P 7 -3.39 -31.22 -23.53
CA ILE P 7 -2.20 -32.06 -23.74
C ILE P 7 -0.90 -31.26 -23.68
N SER P 8 0.22 -31.92 -23.36
CA SER P 8 1.55 -31.28 -23.32
C SER P 8 2.68 -32.25 -23.71
N THR P 9 3.51 -31.85 -24.66
CA THR P 9 4.60 -32.71 -25.21
C THR P 9 5.92 -32.52 -24.46
N ALA P 10 5.85 -31.84 -23.33
CA ALA P 10 7.06 -31.48 -22.59
C ALA P 10 7.85 -32.74 -22.22
N PRO P 11 9.11 -32.83 -22.68
CA PRO P 11 9.96 -33.88 -22.10
C PRO P 11 10.12 -33.61 -20.62
N SER P 12 10.54 -34.63 -19.89
CA SER P 12 10.81 -34.41 -18.48
C SER P 12 12.18 -33.77 -18.43
N SER P 13 12.34 -32.80 -17.52
CA SER P 13 13.61 -32.11 -17.32
C SER P 13 14.61 -33.03 -16.60
N TRP P 14 14.08 -33.85 -15.70
CA TRP P 14 14.92 -34.74 -14.89
C TRP P 14 15.38 -36.03 -15.64
N VAL P 15 16.68 -36.27 -15.71
CA VAL P 15 17.22 -37.44 -16.37
C VAL P 15 18.28 -38.07 -15.48
N VAL P 16 18.02 -39.27 -15.01
CA VAL P 16 18.95 -39.94 -14.12
C VAL P 16 20.38 -39.79 -14.65
N PRO P 17 21.32 -39.42 -13.75
CA PRO P 17 22.65 -39.32 -14.30
C PRO P 17 23.12 -40.73 -14.62
N GLY P 18 23.68 -40.90 -15.81
CA GLY P 18 24.34 -42.16 -16.11
C GLY P 18 25.85 -42.01 -16.08
N PRO P 19 26.45 -41.44 -14.99
CA PRO P 19 27.91 -41.24 -15.04
C PRO P 19 28.69 -42.54 -14.80
#